data_5E3H
#
_entry.id   5E3H
#
_cell.length_a   176.030
_cell.length_b   176.030
_cell.length_c   108.071
_cell.angle_alpha   90.00
_cell.angle_beta   90.00
_cell.angle_gamma   120.00
#
_symmetry.space_group_name_H-M   'P 65 2 2'
#
loop_
_entity.id
_entity.type
_entity.pdbx_description
1 polymer 'Probable ATP-dependent RNA helicase DDX58'
2 polymer "RNA (5'-R(*CP*GP*AP*CP*GP*CP*UP*AP*GP*CP*GP*U)-3')"
3 non-polymer 'ZINC ION'
4 non-polymer 'MAGNESIUM ION'
5 non-polymer GLYCEROL
6 non-polymer "ADENOSINE-5'-DIPHOSPHATE"
7 non-polymer 'BERYLLIUM TRIFLUORIDE ION'
#
loop_
_entity_poly.entity_id
_entity_poly.type
_entity_poly.pdbx_seq_one_letter_code
_entity_poly.pdbx_strand_id
1 'polypeptide(L)'
;SVSDTNLYSPFKPRNYQLELALPAMKGKNTIICAPTGCGKTFVSLLICEHHLKKFPQGQKGKVVFFANQIPVYEQQKSVF
SKYFERHGYRVTGISGATAENVPVEQIVENNDIIILTPQILVNNLKKGTIPSLSIFTLMIFDECHNTSKQHPYNMIMFNY
LDQKLGGSSGPLPQVIGLTASVGVGDAKNTDEALDYICKLCASLDASVIATVKHNLEELEQVVYKPQKFFRKVESRISDK
FKYIIAQLMRDTESLAKRICKDLENLSQIQNREFGTQKYEQWIVTVQKACMVFQMPDKDEESRICKALFLYTSHLRKYND
ALIISEHARMKDALDYLKDFFSNVRAAGFDEIEQDLTQRFEEKLQELESVSRDPSNENPKLEDLCFILQEEYHLNPETIT
ILFVKTRALVDALKNWIEGNPKLSFLKPGILTGRGKTNQNTGMTLPAQKCILDAFKASGDHNILIATSVADEGIDIAQCN
LVILYEYVGNVIKMIQTRGRGRARGSKCFLLTSNAGVIEKEQINMYKEKMMNDSILRLQTWDEAVFREKILHIQTHEKFI
RDSQEKPKPVPDKENKKLLCRKCKALACYTADVRVIEECHYTVLGDAFKECFVSRPHPKPKQFSSFEKRAKIFCARQNCS
HDWGIHVKYKTFEIPVIKIESFVVEDIATGVQTLYSKWKDFHFEKIPFDPAEMSK
;
A
2 'polyribonucleotide' CGACGCUAGCGUCG B,C
#
loop_
_chem_comp.id
_chem_comp.type
_chem_comp.name
_chem_comp.formula
A RNA linking ADENOSINE-5'-MONOPHOSPHATE 'C10 H14 N5 O7 P'
ADP non-polymer ADENOSINE-5'-DIPHOSPHATE 'C10 H15 N5 O10 P2'
BEF non-polymer 'BERYLLIUM TRIFLUORIDE ION' 'Be F3 -1'
C RNA linking CYTIDINE-5'-MONOPHOSPHATE 'C9 H14 N3 O8 P'
G RNA linking GUANOSINE-5'-MONOPHOSPHATE 'C10 H14 N5 O8 P'
GOL non-polymer GLYCEROL 'C3 H8 O3'
MG non-polymer 'MAGNESIUM ION' 'Mg 2'
U RNA linking URIDINE-5'-MONOPHOSPHATE 'C9 H13 N2 O9 P'
ZN non-polymer 'ZINC ION' 'Zn 2'
#
# COMPACT_ATOMS: atom_id res chain seq x y z
N PHE A 11 6.50 32.58 3.15
CA PHE A 11 5.78 32.11 4.32
C PHE A 11 6.43 32.61 5.62
N LYS A 12 5.67 33.39 6.38
CA LYS A 12 6.10 33.79 7.71
C LYS A 12 5.88 32.63 8.68
N PRO A 13 6.96 32.09 9.27
CA PRO A 13 6.80 30.89 10.09
C PRO A 13 5.87 31.10 11.28
N ARG A 14 4.91 30.20 11.45
CA ARG A 14 4.02 30.25 12.59
C ARG A 14 4.80 29.92 13.86
N ASN A 15 4.37 30.48 14.99
CA ASN A 15 5.10 30.32 16.23
C ASN A 15 5.24 28.87 16.66
N TYR A 16 4.24 28.04 16.34
CA TYR A 16 4.28 26.64 16.72
C TYR A 16 5.23 25.84 15.82
N GLN A 17 5.51 26.37 14.64
CA GLN A 17 6.48 25.73 13.74
C GLN A 17 7.89 25.86 14.31
N LEU A 18 8.15 27.02 14.92
CA LEU A 18 9.41 27.25 15.61
C LEU A 18 9.51 26.36 16.83
N GLU A 19 8.40 26.24 17.55
CA GLU A 19 8.33 25.41 18.75
C GLU A 19 8.69 23.95 18.44
N LEU A 20 8.08 23.41 17.38
CA LEU A 20 8.35 22.04 16.97
C LEU A 20 9.81 21.90 16.49
N ALA A 21 10.36 23.00 15.97
CA ALA A 21 11.70 22.99 15.43
C ALA A 21 12.78 23.10 16.50
N LEU A 22 12.43 23.69 17.65
CA LEU A 22 13.41 24.05 18.67
C LEU A 22 14.31 22.88 19.11
N PRO A 23 13.71 21.72 19.43
CA PRO A 23 14.55 20.60 19.88
C PRO A 23 15.57 20.15 18.83
N ALA A 24 15.13 20.09 17.58
CA ALA A 24 15.98 19.66 16.48
C ALA A 24 17.11 20.65 16.25
N MET A 25 16.79 21.94 16.40
CA MET A 25 17.76 23.00 16.15
C MET A 25 18.82 23.06 17.25
N LYS A 26 18.54 22.43 18.39
CA LYS A 26 19.50 22.37 19.49
C LYS A 26 20.33 21.09 19.43
N GLY A 27 20.06 20.24 18.43
CA GLY A 27 20.90 19.08 18.16
C GLY A 27 20.30 17.76 18.59
N LYS A 28 19.17 17.82 19.29
CA LYS A 28 18.53 16.61 19.81
C LYS A 28 17.86 15.83 18.69
N ASN A 29 17.93 14.50 18.77
CA ASN A 29 17.18 13.65 17.85
C ASN A 29 15.71 13.71 18.25
N THR A 30 14.87 14.12 17.31
CA THR A 30 13.49 14.48 17.63
C THR A 30 12.47 13.84 16.71
N ILE A 31 11.40 13.34 17.31
CA ILE A 31 10.20 12.97 16.57
C ILE A 31 9.20 14.10 16.72
N ILE A 32 8.90 14.76 15.61
CA ILE A 32 7.97 15.88 15.60
C ILE A 32 6.57 15.35 15.28
N CYS A 33 5.67 15.48 16.25
CA CYS A 33 4.31 14.97 16.11
C CYS A 33 3.31 16.12 16.10
N ALA A 34 2.74 16.38 14.92
CA ALA A 34 1.81 17.49 14.73
C ALA A 34 0.74 17.11 13.71
N PRO A 35 -0.46 17.69 13.81
CA PRO A 35 -1.55 17.28 12.92
C PRO A 35 -1.28 17.55 11.45
N THR A 36 -1.89 16.77 10.57
CA THR A 36 -1.75 16.94 9.13
C THR A 36 -2.22 18.31 8.69
N GLY A 37 -1.43 18.95 7.82
CA GLY A 37 -1.78 20.25 7.27
C GLY A 37 -1.25 21.42 8.04
N CYS A 38 -0.63 21.16 9.20
CA CYS A 38 -0.09 22.22 10.04
C CYS A 38 1.21 22.78 9.46
N GLY A 39 1.67 22.21 8.34
CA GLY A 39 2.89 22.65 7.70
C GLY A 39 4.18 22.10 8.29
N LYS A 40 4.19 20.80 8.56
CA LYS A 40 5.39 20.11 9.02
C LYS A 40 6.52 20.17 7.99
N THR A 41 6.17 20.42 6.73
CA THR A 41 7.16 20.52 5.67
C THR A 41 8.09 21.70 5.90
N PHE A 42 7.50 22.86 6.20
CA PHE A 42 8.27 24.07 6.42
C PHE A 42 9.10 23.98 7.70
N VAL A 43 8.65 23.16 8.64
CA VAL A 43 9.41 22.91 9.86
C VAL A 43 10.75 22.28 9.52
N SER A 44 10.73 21.25 8.66
CA SER A 44 11.94 20.55 8.27
C SER A 44 12.87 21.45 7.46
N LEU A 45 12.32 22.49 6.85
CA LEU A 45 13.15 23.46 6.13
C LEU A 45 13.89 24.36 7.13
N LEU A 46 13.17 24.86 8.12
CA LEU A 46 13.79 25.67 9.17
C LEU A 46 14.89 24.89 9.87
N ILE A 47 14.59 23.65 10.23
CA ILE A 47 15.57 22.74 10.79
C ILE A 47 16.77 22.62 9.86
N CYS A 48 16.51 22.10 8.66
CA CYS A 48 17.56 21.88 7.66
C CYS A 48 18.41 23.11 7.39
N GLU A 49 17.78 24.27 7.30
CA GLU A 49 18.49 25.52 7.06
C GLU A 49 19.43 25.83 8.22
N HIS A 50 18.89 25.76 9.44
CA HIS A 50 19.67 26.03 10.64
C HIS A 50 20.85 25.07 10.77
N HIS A 51 20.63 23.83 10.38
CA HIS A 51 21.64 22.78 10.53
C HIS A 51 22.88 23.04 9.68
N LEU A 52 22.67 23.49 8.44
CA LEU A 52 23.76 23.70 7.51
C LEU A 52 24.60 24.93 7.87
N LYS A 53 23.95 25.93 8.46
CA LYS A 53 24.62 27.18 8.78
C LYS A 53 25.32 27.14 10.14
N LYS A 54 25.26 25.99 10.81
CA LYS A 54 25.90 25.84 12.11
C LYS A 54 27.37 25.43 11.97
N PHE A 55 27.75 25.02 10.77
CA PHE A 55 29.11 24.52 10.53
C PHE A 55 30.09 25.66 10.26
N PRO A 56 31.34 25.52 10.77
CA PRO A 56 32.39 26.47 10.38
C PRO A 56 32.93 26.21 8.98
N GLN A 57 33.54 27.22 8.37
CA GLN A 57 34.20 27.07 7.07
C GLN A 57 35.26 25.99 7.16
N GLY A 58 35.19 24.99 6.28
CA GLY A 58 36.10 23.86 6.34
C GLY A 58 35.39 22.61 6.85
N GLN A 59 34.16 22.81 7.29
CA GLN A 59 33.25 21.70 7.59
C GLN A 59 31.93 21.97 6.88
N LYS A 60 31.36 20.95 6.25
CA LYS A 60 30.06 21.08 5.59
C LYS A 60 29.10 19.99 6.07
N GLY A 61 27.84 20.36 6.21
CA GLY A 61 26.81 19.42 6.60
C GLY A 61 26.19 18.77 5.38
N LYS A 62 25.67 17.56 5.57
CA LYS A 62 25.01 16.84 4.49
C LYS A 62 23.69 16.25 4.98
N VAL A 63 22.59 16.74 4.41
CA VAL A 63 21.25 16.32 4.83
C VAL A 63 20.65 15.33 3.85
N VAL A 64 19.98 14.31 4.38
CA VAL A 64 19.22 13.37 3.55
C VAL A 64 17.76 13.37 4.00
N PHE A 65 16.89 13.81 3.09
CA PHE A 65 15.44 13.80 3.33
C PHE A 65 14.83 12.55 2.72
N PHE A 66 14.07 11.80 3.52
CA PHE A 66 13.43 10.57 3.04
C PHE A 66 11.95 10.79 2.77
N ALA A 67 11.49 10.30 1.62
CA ALA A 67 10.08 10.26 1.30
C ALA A 67 9.76 8.92 0.61
N ASN A 68 8.78 8.20 1.15
CA ASN A 68 8.51 6.84 0.68
C ASN A 68 7.44 6.78 -0.40
N GLN A 69 7.01 7.93 -0.88
CA GLN A 69 6.09 8.02 -2.03
C GLN A 69 6.63 9.00 -3.07
N ILE A 70 6.58 8.61 -4.34
CA ILE A 70 7.17 9.39 -5.42
C ILE A 70 6.62 10.81 -5.54
N PRO A 71 5.28 10.98 -5.46
CA PRO A 71 4.75 12.34 -5.51
C PRO A 71 5.31 13.24 -4.41
N VAL A 72 5.39 12.71 -3.19
CA VAL A 72 5.96 13.46 -2.08
C VAL A 72 7.45 13.70 -2.33
N TYR A 73 8.11 12.72 -2.93
CA TYR A 73 9.53 12.86 -3.27
C TYR A 73 9.78 14.02 -4.22
N GLU A 74 8.97 14.10 -5.27
CA GLU A 74 9.15 15.13 -6.29
C GLU A 74 8.86 16.52 -5.73
N GLN A 75 7.85 16.61 -4.87
CA GLN A 75 7.46 17.88 -4.29
C GLN A 75 8.53 18.42 -3.35
N GLN A 76 9.04 17.57 -2.47
CA GLN A 76 10.08 17.99 -1.53
C GLN A 76 11.32 18.47 -2.26
N LYS A 77 11.76 17.69 -3.25
CA LYS A 77 12.93 18.06 -4.05
C LYS A 77 12.72 19.42 -4.72
N SER A 78 11.47 19.74 -5.06
CA SER A 78 11.16 21.01 -5.68
C SER A 78 11.29 22.17 -4.69
N VAL A 79 10.62 22.04 -3.56
CA VAL A 79 10.64 23.08 -2.52
C VAL A 79 12.07 23.31 -2.03
N PHE A 80 12.74 22.23 -1.66
CA PHE A 80 14.09 22.32 -1.12
C PHE A 80 15.07 22.95 -2.12
N SER A 81 14.93 22.60 -3.40
CA SER A 81 15.80 23.15 -4.43
C SER A 81 15.59 24.64 -4.61
N LYS A 82 14.33 25.07 -4.67
CA LYS A 82 14.01 26.48 -4.85
C LYS A 82 14.43 27.30 -3.64
N TYR A 83 14.30 26.70 -2.46
CA TYR A 83 14.61 27.38 -1.21
C TYR A 83 16.11 27.52 -0.96
N PHE A 84 16.85 26.42 -1.10
CA PHE A 84 18.23 26.36 -0.67
C PHE A 84 19.26 26.69 -1.76
N GLU A 85 18.80 26.94 -2.98
CA GLU A 85 19.71 27.30 -4.06
C GLU A 85 20.35 28.65 -3.75
N ARG A 86 19.58 29.53 -3.14
CA ARG A 86 20.03 30.89 -2.84
C ARG A 86 21.17 30.88 -1.82
N HIS A 87 21.09 29.95 -0.88
CA HIS A 87 22.03 29.90 0.24
C HIS A 87 23.33 29.19 -0.13
N GLY A 88 23.42 28.72 -1.37
CA GLY A 88 24.64 28.11 -1.87
C GLY A 88 24.72 26.61 -1.60
N TYR A 89 23.56 26.02 -1.29
CA TYR A 89 23.50 24.58 -1.04
C TYR A 89 22.94 23.86 -2.26
N ARG A 90 23.66 22.85 -2.73
CA ARG A 90 23.24 22.10 -3.91
C ARG A 90 22.25 21.02 -3.51
N VAL A 91 21.05 21.11 -4.06
CA VAL A 91 20.00 20.14 -3.79
C VAL A 91 19.85 19.17 -4.95
N THR A 92 19.75 17.88 -4.65
CA THR A 92 19.52 16.85 -5.65
C THR A 92 18.53 15.82 -5.14
N GLY A 93 18.27 14.81 -5.96
CA GLY A 93 17.40 13.72 -5.58
C GLY A 93 17.70 12.46 -6.36
N ILE A 94 17.35 11.31 -5.79
CA ILE A 94 17.48 10.03 -6.46
C ILE A 94 16.24 9.17 -6.20
N SER A 95 15.59 8.75 -7.28
CA SER A 95 14.44 7.86 -7.20
C SER A 95 14.69 6.64 -8.08
N GLY A 96 13.70 5.77 -8.20
CA GLY A 96 13.84 4.53 -8.94
C GLY A 96 14.26 4.74 -10.38
N ALA A 97 13.70 5.75 -11.03
CA ALA A 97 13.99 6.01 -12.43
C ALA A 97 15.43 6.48 -12.63
N THR A 98 15.91 7.31 -11.72
CA THR A 98 17.27 7.83 -11.77
C THR A 98 18.25 6.99 -10.95
N ALA A 99 17.77 5.86 -10.43
CA ALA A 99 18.58 5.00 -9.57
C ALA A 99 19.76 4.37 -10.30
N GLU A 100 19.47 3.70 -11.41
CA GLU A 100 20.46 2.86 -12.08
C GLU A 100 21.50 3.62 -12.90
N ASN A 101 22.65 2.97 -13.08
CA ASN A 101 23.72 3.47 -13.94
C ASN A 101 24.16 4.91 -13.63
N VAL A 102 24.30 5.22 -12.35
CA VAL A 102 24.83 6.52 -11.93
C VAL A 102 25.69 6.34 -10.68
N PRO A 103 26.75 7.16 -10.55
CA PRO A 103 27.63 7.06 -9.38
C PRO A 103 26.97 7.63 -8.12
N VAL A 104 26.11 6.83 -7.50
CA VAL A 104 25.34 7.26 -6.33
C VAL A 104 26.23 7.88 -5.26
N GLU A 105 27.40 7.29 -5.05
CA GLU A 105 28.31 7.77 -4.01
C GLU A 105 28.78 9.20 -4.29
N GLN A 106 29.07 9.52 -5.54
CA GLN A 106 29.57 10.84 -5.89
C GLN A 106 28.44 11.86 -5.97
N ILE A 107 27.25 11.39 -6.33
CA ILE A 107 26.07 12.25 -6.33
C ILE A 107 25.81 12.73 -4.91
N VAL A 108 25.91 11.81 -3.95
CA VAL A 108 25.76 12.17 -2.55
C VAL A 108 26.88 13.10 -2.09
N GLU A 109 28.09 12.82 -2.55
CA GLU A 109 29.26 13.60 -2.16
C GLU A 109 29.18 15.05 -2.62
N ASN A 110 28.67 15.26 -3.83
CA ASN A 110 28.70 16.59 -4.45
C ASN A 110 27.46 17.43 -4.17
N ASN A 111 26.54 16.92 -3.36
CA ASN A 111 25.33 17.66 -3.02
C ASN A 111 25.12 17.78 -1.52
N ASP A 112 24.71 18.97 -1.10
CA ASP A 112 24.55 19.30 0.32
C ASP A 112 23.22 18.79 0.89
N ILE A 113 22.17 18.81 0.07
CA ILE A 113 20.87 18.29 0.47
C ILE A 113 20.42 17.25 -0.54
N ILE A 114 19.96 16.11 -0.06
CA ILE A 114 19.62 14.99 -0.93
C ILE A 114 18.27 14.38 -0.56
N ILE A 115 17.31 14.46 -1.47
CA ILE A 115 16.01 13.85 -1.26
C ILE A 115 16.06 12.43 -1.81
N LEU A 116 15.53 11.48 -1.06
CA LEU A 116 15.73 10.07 -1.36
C LEU A 116 14.52 9.21 -1.01
N THR A 117 14.34 8.15 -1.78
CA THR A 117 13.46 7.06 -1.39
C THR A 117 14.27 6.15 -0.47
N PRO A 118 13.67 5.64 0.61
CA PRO A 118 14.48 4.83 1.52
C PRO A 118 15.02 3.55 0.88
N GLN A 119 14.21 2.91 0.02
CA GLN A 119 14.61 1.65 -0.60
C GLN A 119 15.90 1.79 -1.39
N ILE A 120 16.22 3.00 -1.81
CA ILE A 120 17.44 3.26 -2.56
C ILE A 120 18.65 3.31 -1.65
N LEU A 121 18.49 3.88 -0.46
CA LEU A 121 19.61 3.94 0.49
C LEU A 121 19.88 2.55 1.05
N VAL A 122 18.83 1.75 1.17
CA VAL A 122 18.98 0.37 1.64
C VAL A 122 19.81 -0.43 0.65
N ASN A 123 19.49 -0.30 -0.63
CA ASN A 123 20.21 -1.01 -1.69
C ASN A 123 21.66 -0.57 -1.78
N ASN A 124 21.90 0.73 -1.61
CA ASN A 124 23.25 1.27 -1.73
C ASN A 124 24.12 0.97 -0.49
N LEU A 125 23.47 0.70 0.64
CA LEU A 125 24.19 0.25 1.83
C LEU A 125 24.57 -1.23 1.67
N LYS A 126 23.60 -2.02 1.23
CA LYS A 126 23.80 -3.45 1.05
C LYS A 126 24.79 -3.75 -0.06
N LYS A 127 24.79 -2.92 -1.10
CA LYS A 127 25.72 -3.08 -2.22
C LYS A 127 27.10 -2.54 -1.86
N GLY A 128 27.17 -1.76 -0.79
CA GLY A 128 28.43 -1.24 -0.29
C GLY A 128 28.89 0.04 -0.95
N THR A 129 28.10 0.55 -1.89
CA THR A 129 28.45 1.78 -2.60
C THR A 129 28.50 2.96 -1.63
N ILE A 130 27.60 2.94 -0.64
CA ILE A 130 27.64 3.90 0.46
C ILE A 130 28.22 3.21 1.68
N PRO A 131 29.45 3.60 2.09
CA PRO A 131 30.11 2.88 3.18
C PRO A 131 29.38 2.98 4.52
N SER A 132 28.93 4.18 4.88
CA SER A 132 28.27 4.38 6.17
C SER A 132 27.38 5.63 6.18
N LEU A 133 26.47 5.66 7.16
CA LEU A 133 25.59 6.81 7.35
C LEU A 133 26.35 8.00 7.93
N SER A 134 27.61 7.77 8.30
CA SER A 134 28.45 8.83 8.86
C SER A 134 28.70 9.95 7.86
N ILE A 135 28.39 9.70 6.59
CA ILE A 135 28.53 10.71 5.56
C ILE A 135 27.51 11.82 5.80
N PHE A 136 26.36 11.46 6.34
CA PHE A 136 25.29 12.43 6.62
C PHE A 136 25.47 13.04 8.01
N THR A 137 25.27 14.36 8.11
CA THR A 137 25.19 15.02 9.40
C THR A 137 23.74 15.08 9.90
N LEU A 138 22.79 14.85 9.00
CA LEU A 138 21.36 14.92 9.36
C LEU A 138 20.52 13.97 8.51
N MET A 139 19.56 13.31 9.15
CA MET A 139 18.61 12.44 8.46
C MET A 139 17.19 12.80 8.87
N ILE A 140 16.36 13.16 7.89
CA ILE A 140 14.97 13.52 8.13
C ILE A 140 14.03 12.48 7.55
N PHE A 141 13.30 11.77 8.41
CA PHE A 141 12.32 10.78 7.99
C PHE A 141 10.93 11.38 7.95
N ASP A 142 10.35 11.50 6.76
CA ASP A 142 8.97 11.95 6.62
C ASP A 142 8.03 10.76 6.80
N GLU A 143 6.96 10.95 7.56
CA GLU A 143 6.08 9.86 7.97
C GLU A 143 6.90 8.80 8.71
N CYS A 144 7.62 9.26 9.74
CA CYS A 144 8.58 8.42 10.45
C CYS A 144 7.93 7.25 11.19
N HIS A 145 6.60 7.28 11.31
CA HIS A 145 5.87 6.20 11.98
C HIS A 145 5.99 4.88 11.21
N ASN A 146 6.53 4.95 10.00
CA ASN A 146 6.73 3.77 9.19
C ASN A 146 7.98 3.01 9.60
N THR A 147 8.68 3.50 10.61
CA THR A 147 9.94 2.89 11.00
C THR A 147 9.61 1.80 12.00
N SER A 148 9.67 0.57 11.50
CA SER A 148 9.25 -0.60 12.24
C SER A 148 9.28 -1.80 11.31
N LYS A 149 9.31 -3.00 11.89
CA LYS A 149 9.26 -4.24 11.12
C LYS A 149 10.31 -4.24 10.00
N GLN A 150 9.93 -4.73 8.83
CA GLN A 150 10.87 -4.86 7.71
C GLN A 150 10.84 -3.67 6.75
N HIS A 151 10.08 -2.63 7.11
CA HIS A 151 9.95 -1.44 6.27
C HIS A 151 11.34 -0.83 5.97
N PRO A 152 11.51 -0.25 4.77
CA PRO A 152 12.80 0.35 4.39
C PRO A 152 13.37 1.36 5.40
N TYR A 153 12.50 2.16 6.02
CA TYR A 153 12.93 3.11 7.04
C TYR A 153 13.66 2.41 8.17
N ASN A 154 13.09 1.30 8.63
CA ASN A 154 13.67 0.57 9.75
C ASN A 154 15.01 -0.06 9.37
N MET A 155 15.12 -0.49 8.12
CA MET A 155 16.36 -1.08 7.62
C MET A 155 17.50 -0.07 7.67
N ILE A 156 17.20 1.18 7.32
CA ILE A 156 18.19 2.24 7.36
C ILE A 156 18.66 2.46 8.80
N MET A 157 17.74 2.32 9.75
CA MET A 157 18.04 2.57 11.15
C MET A 157 18.76 1.38 11.79
N PHE A 158 18.45 0.17 11.34
CA PHE A 158 19.21 -1.01 11.75
C PHE A 158 20.69 -0.76 11.47
N ASN A 159 20.95 -0.21 10.29
CA ASN A 159 22.30 0.17 9.90
C ASN A 159 22.86 1.24 10.84
N TYR A 160 22.00 2.18 11.22
CA TYR A 160 22.39 3.27 12.11
C TYR A 160 22.64 2.76 13.53
N LEU A 161 21.81 1.84 13.98
CA LEU A 161 21.89 1.35 15.35
C LEU A 161 23.10 0.44 15.57
N ASP A 162 23.48 -0.31 14.54
CA ASP A 162 24.63 -1.20 14.63
C ASP A 162 25.92 -0.39 14.76
N GLN A 163 26.00 0.71 14.03
CA GLN A 163 27.18 1.58 14.09
C GLN A 163 27.25 2.33 15.41
N LYS A 164 26.09 2.49 16.04
CA LYS A 164 26.02 3.13 17.36
C LYS A 164 26.50 2.15 18.44
N LEU A 165 25.76 1.06 18.59
CA LEU A 165 26.02 0.09 19.65
C LEU A 165 27.27 -0.74 19.38
N GLY A 166 27.72 -0.75 18.14
CA GLY A 166 28.94 -1.46 17.78
C GLY A 166 30.17 -0.71 18.21
N GLY A 167 31.32 -1.37 18.16
CA GLY A 167 32.58 -0.73 18.50
C GLY A 167 33.00 0.28 17.44
N SER A 168 32.37 0.20 16.27
CA SER A 168 32.66 1.10 15.16
C SER A 168 32.36 2.55 15.54
N SER A 169 33.36 3.42 15.34
CA SER A 169 33.22 4.83 15.65
C SER A 169 33.02 5.66 14.39
N GLY A 170 31.96 6.47 14.39
CA GLY A 170 31.72 7.41 13.31
C GLY A 170 30.84 8.54 13.78
N PRO A 171 30.92 9.72 13.12
CA PRO A 171 30.03 10.81 13.51
C PRO A 171 28.61 10.55 13.04
N LEU A 172 27.86 9.75 13.79
CA LEU A 172 26.50 9.38 13.44
C LEU A 172 25.63 10.62 13.24
N PRO A 173 24.70 10.57 12.28
CA PRO A 173 23.87 11.73 11.97
C PRO A 173 22.81 12.02 13.02
N GLN A 174 22.46 13.29 13.17
CA GLN A 174 21.26 13.66 13.91
C GLN A 174 20.08 13.08 13.15
N VAL A 175 19.08 12.59 13.87
CA VAL A 175 17.91 11.98 13.23
C VAL A 175 16.64 12.69 13.64
N ILE A 176 15.89 13.11 12.63
CA ILE A 176 14.61 13.79 12.82
C ILE A 176 13.53 12.91 12.21
N GLY A 177 12.30 13.09 12.66
CA GLY A 177 11.17 12.36 12.11
C GLY A 177 9.93 13.21 12.15
N LEU A 178 8.98 12.87 11.28
CA LEU A 178 7.78 13.67 11.10
C LEU A 178 6.58 12.75 10.94
N THR A 179 5.46 13.11 11.55
CA THR A 179 4.24 12.32 11.48
C THR A 179 3.11 13.01 12.22
N ALA A 180 1.87 12.64 11.90
CA ALA A 180 0.72 13.11 12.66
C ALA A 180 0.43 12.19 13.83
N SER A 181 0.96 10.97 13.78
CA SER A 181 0.82 10.04 14.89
C SER A 181 1.96 9.03 14.94
N VAL A 182 2.40 8.70 16.16
CA VAL A 182 3.35 7.62 16.37
C VAL A 182 2.63 6.27 16.43
N GLY A 183 1.38 6.30 16.88
CA GLY A 183 0.59 5.09 17.04
C GLY A 183 0.86 4.45 18.39
N VAL A 184 -0.14 3.75 18.94
CA VAL A 184 0.06 2.99 20.17
C VAL A 184 0.27 1.49 19.89
N GLY A 185 0.18 1.09 18.64
CA GLY A 185 0.23 -0.32 18.29
C GLY A 185 -0.96 -1.08 18.81
N ASP A 186 -0.69 -2.20 19.47
CA ASP A 186 -1.75 -3.07 20.00
C ASP A 186 -2.13 -2.72 21.44
N ALA A 187 -1.57 -1.63 21.95
CA ALA A 187 -1.71 -1.26 23.36
C ALA A 187 -3.16 -1.24 23.83
N LYS A 188 -3.41 -1.93 24.95
CA LYS A 188 -4.72 -1.95 25.58
C LYS A 188 -4.82 -0.93 26.72
N ASN A 189 -3.71 -0.25 27.01
CA ASN A 189 -3.67 0.72 28.10
C ASN A 189 -2.49 1.66 27.99
N THR A 190 -2.39 2.59 28.94
CA THR A 190 -1.35 3.62 28.92
C THR A 190 0.06 3.06 28.98
N ASP A 191 0.26 2.03 29.80
CA ASP A 191 1.59 1.45 29.96
C ASP A 191 2.04 0.74 28.70
N GLU A 192 1.11 0.03 28.06
CA GLU A 192 1.41 -0.64 26.80
C GLU A 192 1.61 0.39 25.69
N ALA A 193 0.79 1.43 25.71
CA ALA A 193 0.88 2.49 24.72
C ALA A 193 2.18 3.26 24.88
N LEU A 194 2.58 3.48 26.12
CA LEU A 194 3.82 4.19 26.41
C LEU A 194 5.04 3.35 26.02
N ASP A 195 4.88 2.03 26.04
CA ASP A 195 5.96 1.13 25.64
C ASP A 195 6.13 1.11 24.13
N TYR A 196 5.02 1.11 23.41
CA TYR A 196 5.05 1.09 21.95
C TYR A 196 5.71 2.36 21.41
N ILE A 197 5.37 3.50 22.00
CA ILE A 197 5.94 4.77 21.59
C ILE A 197 7.43 4.81 21.91
N CYS A 198 7.81 4.23 23.04
CA CYS A 198 9.22 4.17 23.43
C CYS A 198 10.02 3.31 22.46
N LYS A 199 9.38 2.26 21.94
CA LYS A 199 10.01 1.38 20.97
C LYS A 199 10.31 2.15 19.69
N LEU A 200 9.34 2.95 19.24
CA LEU A 200 9.49 3.75 18.02
C LEU A 200 10.59 4.79 18.19
N CYS A 201 10.63 5.44 19.35
CA CYS A 201 11.67 6.41 19.65
C CYS A 201 13.05 5.77 19.57
N ALA A 202 13.16 4.55 20.07
CA ALA A 202 14.41 3.82 20.04
C ALA A 202 14.78 3.45 18.61
N SER A 203 13.78 3.05 17.83
CA SER A 203 14.00 2.69 16.44
C SER A 203 14.57 3.87 15.65
N LEU A 204 14.10 5.07 15.98
CA LEU A 204 14.57 6.30 15.35
C LEU A 204 15.65 7.01 16.18
N ASP A 205 16.01 6.41 17.31
CA ASP A 205 17.04 6.97 18.19
C ASP A 205 16.68 8.38 18.66
N ALA A 206 15.40 8.60 18.94
CA ALA A 206 14.92 9.92 19.36
C ALA A 206 14.90 10.05 20.88
N SER A 207 15.50 11.12 21.38
CA SER A 207 15.48 11.42 22.81
C SER A 207 14.38 12.43 23.15
N VAL A 208 13.68 12.92 22.13
CA VAL A 208 12.66 13.94 22.30
C VAL A 208 11.46 13.72 21.38
N ILE A 209 10.26 13.86 21.94
CA ILE A 209 9.04 13.92 21.15
C ILE A 209 8.50 15.35 21.21
N ALA A 210 8.48 16.01 20.06
CA ALA A 210 8.05 17.41 20.00
C ALA A 210 6.59 17.52 19.59
N THR A 211 5.84 18.34 20.32
CA THR A 211 4.45 18.63 20.02
C THR A 211 4.13 20.07 20.36
N VAL A 212 3.02 20.58 19.83
CA VAL A 212 2.60 21.94 20.14
C VAL A 212 2.01 21.99 21.55
N LYS A 213 2.53 22.89 22.37
CA LYS A 213 2.07 23.05 23.75
C LYS A 213 1.71 24.51 24.05
N HIS A 214 2.70 25.38 23.97
CA HIS A 214 2.52 26.78 24.32
C HIS A 214 1.66 27.51 23.27
N ASN A 215 1.85 27.13 22.02
CA ASN A 215 1.21 27.79 20.88
C ASN A 215 -0.10 27.15 20.41
N LEU A 216 -0.62 26.20 21.19
CA LEU A 216 -1.80 25.41 20.80
C LEU A 216 -2.97 26.21 20.23
N GLU A 217 -3.17 27.43 20.74
CA GLU A 217 -4.28 28.26 20.26
C GLU A 217 -4.09 28.67 18.80
N GLU A 218 -2.84 28.86 18.41
CA GLU A 218 -2.52 29.23 17.04
C GLU A 218 -2.78 28.08 16.07
N LEU A 219 -2.36 26.89 16.48
CA LEU A 219 -2.49 25.70 15.66
C LEU A 219 -3.95 25.40 15.31
N GLU A 220 -4.83 25.56 16.29
CA GLU A 220 -6.23 25.18 16.15
C GLU A 220 -7.02 26.15 15.29
N GLN A 221 -6.42 27.28 14.95
CA GLN A 221 -7.01 28.23 14.02
C GLN A 221 -6.50 27.97 12.60
N VAL A 222 -5.60 27.00 12.47
CA VAL A 222 -5.10 26.55 11.16
C VAL A 222 -5.77 25.22 10.83
N VAL A 223 -5.47 24.21 11.64
CA VAL A 223 -6.08 22.89 11.50
C VAL A 223 -7.27 22.77 12.44
N TYR A 224 -8.39 22.32 11.89
CA TYR A 224 -9.60 22.06 12.68
C TYR A 224 -9.91 20.56 12.66
N LYS A 225 -10.40 20.05 13.78
CA LYS A 225 -10.77 18.65 13.89
C LYS A 225 -12.19 18.45 13.36
N PRO A 226 -12.34 17.74 12.22
CA PRO A 226 -13.68 17.59 11.66
C PRO A 226 -14.58 16.72 12.55
N GLN A 227 -15.86 17.07 12.61
CA GLN A 227 -16.80 16.31 13.42
C GLN A 227 -17.08 14.96 12.77
N LYS A 228 -17.01 13.91 13.58
CA LYS A 228 -17.22 12.54 13.09
C LYS A 228 -18.60 12.03 13.44
N PHE A 229 -19.19 11.26 12.52
CA PHE A 229 -20.51 10.69 12.69
C PHE A 229 -20.51 9.20 12.39
N PHE A 230 -21.24 8.43 13.19
CA PHE A 230 -21.35 6.99 13.00
C PHE A 230 -22.73 6.63 12.47
N ARG A 231 -22.75 6.02 11.28
CA ARG A 231 -24.00 5.57 10.67
C ARG A 231 -24.05 4.04 10.68
N LYS A 232 -24.92 3.49 11.51
CA LYS A 232 -25.11 2.04 11.57
C LYS A 232 -26.40 1.66 10.84
N VAL A 233 -26.25 1.01 9.70
CA VAL A 233 -27.38 0.61 8.87
C VAL A 233 -27.60 -0.90 8.97
N GLU A 234 -28.58 -1.39 8.23
CA GLU A 234 -28.90 -2.82 8.21
C GLU A 234 -28.65 -3.39 6.82
N SER A 235 -28.34 -4.68 6.75
CA SER A 235 -28.13 -5.36 5.48
C SER A 235 -29.47 -5.71 4.83
N ARG A 236 -29.48 -5.84 3.51
CA ARG A 236 -30.68 -6.23 2.79
C ARG A 236 -31.13 -7.63 3.19
N ILE A 237 -32.42 -7.78 3.48
CA ILE A 237 -32.97 -9.06 3.89
C ILE A 237 -33.35 -9.90 2.67
N SER A 238 -33.40 -9.26 1.51
CA SER A 238 -33.82 -9.95 0.29
C SER A 238 -32.79 -10.98 -0.14
N ASP A 239 -33.24 -12.24 -0.24
CA ASP A 239 -32.37 -13.35 -0.64
C ASP A 239 -32.51 -13.65 -2.13
N LYS A 240 -33.32 -12.85 -2.82
CA LYS A 240 -33.66 -13.10 -4.22
C LYS A 240 -32.43 -13.27 -5.11
N PHE A 241 -31.49 -12.32 -5.03
CA PHE A 241 -30.31 -12.34 -5.88
C PHE A 241 -29.37 -13.46 -5.50
N LYS A 242 -29.01 -13.52 -4.21
CA LYS A 242 -28.06 -14.51 -3.73
C LYS A 242 -28.61 -15.94 -3.82
N TYR A 243 -29.93 -16.05 -3.96
CA TYR A 243 -30.58 -17.36 -4.04
C TYR A 243 -30.18 -18.10 -5.32
N ILE A 244 -30.32 -17.43 -6.45
CA ILE A 244 -30.00 -18.04 -7.74
C ILE A 244 -28.52 -18.39 -7.84
N ILE A 245 -27.66 -17.50 -7.35
CA ILE A 245 -26.22 -17.70 -7.43
C ILE A 245 -25.80 -18.79 -6.46
N ALA A 246 -26.48 -18.89 -5.32
CA ALA A 246 -26.22 -19.95 -4.35
C ALA A 246 -26.47 -21.30 -5.02
N GLN A 247 -27.38 -21.32 -5.98
CA GLN A 247 -27.65 -22.52 -6.76
C GLN A 247 -26.50 -22.78 -7.73
N LEU A 248 -26.09 -21.74 -8.44
CA LEU A 248 -24.99 -21.84 -9.41
C LEU A 248 -23.70 -22.31 -8.74
N MET A 249 -23.43 -21.79 -7.55
CA MET A 249 -22.26 -22.21 -6.80
C MET A 249 -22.45 -23.63 -6.30
N ARG A 250 -23.68 -23.98 -5.97
CA ARG A 250 -24.01 -25.33 -5.52
C ARG A 250 -23.84 -26.32 -6.66
N ASP A 251 -24.04 -25.85 -7.89
CA ASP A 251 -23.86 -26.70 -9.07
C ASP A 251 -22.38 -26.90 -9.35
N THR A 252 -21.61 -25.81 -9.31
CA THR A 252 -20.18 -25.87 -9.56
C THR A 252 -19.49 -26.73 -8.50
N GLU A 253 -20.08 -26.79 -7.32
CA GLU A 253 -19.57 -27.66 -6.26
C GLU A 253 -19.71 -29.12 -6.67
N SER A 254 -20.78 -29.43 -7.39
CA SER A 254 -21.04 -30.78 -7.85
C SER A 254 -20.15 -31.14 -9.05
N LEU A 255 -20.03 -30.21 -10.00
CA LEU A 255 -19.17 -30.42 -11.16
C LEU A 255 -17.74 -30.69 -10.75
N ALA A 256 -17.29 -30.00 -9.70
CA ALA A 256 -15.97 -30.24 -9.13
C ALA A 256 -15.96 -31.57 -8.38
N LYS A 257 -17.03 -31.83 -7.62
CA LYS A 257 -17.18 -33.07 -6.89
C LYS A 257 -17.48 -34.23 -7.82
N ARG A 258 -17.73 -33.93 -9.08
CA ARG A 258 -18.00 -34.96 -10.08
C ARG A 258 -16.71 -35.51 -10.66
N ILE A 259 -15.58 -35.02 -10.17
CA ILE A 259 -14.26 -35.43 -10.66
C ILE A 259 -13.42 -36.02 -9.53
N CYS A 260 -13.07 -35.18 -8.55
CA CYS A 260 -12.24 -35.60 -7.43
C CYS A 260 -13.06 -36.42 -6.42
N LYS A 261 -14.34 -36.09 -6.30
CA LYS A 261 -15.26 -36.85 -5.45
C LYS A 261 -15.02 -36.65 -3.96
N ASP A 262 -13.98 -35.89 -3.60
CA ASP A 262 -13.63 -35.67 -2.21
C ASP A 262 -13.61 -34.19 -1.86
N LEU A 263 -14.12 -33.85 -0.68
CA LEU A 263 -14.07 -32.49 -0.16
C LEU A 263 -13.97 -32.52 1.35
N GLU A 264 -13.54 -31.40 1.94
CA GLU A 264 -13.38 -31.30 3.39
C GLU A 264 -14.42 -30.35 3.98
N PHE A 274 -21.77 -20.11 1.34
CA PHE A 274 -21.33 -18.94 2.09
C PHE A 274 -20.65 -17.93 1.15
N GLY A 275 -21.07 -16.66 1.27
CA GLY A 275 -20.51 -15.60 0.46
C GLY A 275 -19.53 -14.73 1.22
N THR A 276 -18.96 -15.27 2.29
CA THR A 276 -18.09 -14.50 3.18
C THR A 276 -16.61 -14.71 2.89
N GLN A 277 -15.77 -14.06 3.70
CA GLN A 277 -14.32 -14.17 3.55
C GLN A 277 -13.83 -15.57 3.86
N LYS A 278 -14.50 -16.23 4.79
CA LYS A 278 -14.13 -17.59 5.19
C LYS A 278 -14.26 -18.55 4.01
N TYR A 279 -15.26 -18.32 3.17
CA TYR A 279 -15.50 -19.18 2.02
C TYR A 279 -14.45 -18.93 0.94
N GLU A 280 -13.92 -17.71 0.89
CA GLU A 280 -12.92 -17.36 -0.11
C GLU A 280 -11.62 -18.11 0.13
N GLN A 281 -11.16 -18.14 1.39
CA GLN A 281 -9.93 -18.83 1.73
C GLN A 281 -10.02 -20.32 1.39
N TRP A 282 -11.23 -20.86 1.40
CA TRP A 282 -11.46 -22.26 1.05
C TRP A 282 -11.16 -22.51 -0.43
N ILE A 283 -11.80 -21.73 -1.31
CA ILE A 283 -11.66 -21.92 -2.75
C ILE A 283 -10.21 -21.76 -3.18
N VAL A 284 -9.47 -20.90 -2.48
CA VAL A 284 -8.05 -20.75 -2.74
C VAL A 284 -7.30 -21.99 -2.28
N THR A 285 -7.79 -22.60 -1.20
CA THR A 285 -7.19 -23.82 -0.67
C THR A 285 -7.55 -25.02 -1.56
N VAL A 286 -8.76 -24.99 -2.12
CA VAL A 286 -9.19 -26.03 -3.04
C VAL A 286 -8.29 -26.04 -4.27
N GLN A 287 -8.03 -24.87 -4.83
CA GLN A 287 -7.14 -24.75 -5.98
C GLN A 287 -5.75 -25.27 -5.65
N LYS A 288 -5.27 -24.98 -4.45
CA LYS A 288 -3.98 -25.47 -4.00
C LYS A 288 -4.00 -27.00 -3.88
N ALA A 289 -5.17 -27.54 -3.57
CA ALA A 289 -5.34 -28.98 -3.44
C ALA A 289 -5.49 -29.66 -4.80
N CYS A 290 -6.02 -28.92 -5.77
CA CYS A 290 -6.25 -29.47 -7.10
C CYS A 290 -4.99 -29.45 -7.97
N MET A 291 -4.00 -28.66 -7.56
CA MET A 291 -2.78 -28.49 -8.35
C MET A 291 -1.73 -29.54 -8.01
N VAL A 292 -1.94 -30.28 -6.93
CA VAL A 292 -1.05 -31.39 -6.57
C VAL A 292 -1.60 -32.71 -7.11
N PHE A 293 -2.77 -32.65 -7.74
CA PHE A 293 -3.41 -33.85 -8.28
C PHE A 293 -2.57 -34.44 -9.40
N ASP A 297 -1.17 -40.95 -15.40
CA ASP A 297 -1.46 -40.89 -16.83
C ASP A 297 -0.95 -39.58 -17.42
N LYS A 298 -1.10 -38.50 -16.68
CA LYS A 298 -0.62 -37.17 -17.07
C LYS A 298 -1.33 -36.58 -18.29
N ASP A 299 -2.20 -37.37 -18.93
CA ASP A 299 -2.93 -36.91 -20.11
C ASP A 299 -4.28 -36.32 -19.70
N GLU A 300 -5.15 -37.18 -19.16
CA GLU A 300 -6.44 -36.74 -18.64
C GLU A 300 -6.24 -35.81 -17.44
N GLU A 301 -5.05 -35.88 -16.86
CA GLU A 301 -4.70 -35.05 -15.71
C GLU A 301 -4.83 -33.57 -16.02
N SER A 302 -4.37 -33.17 -17.20
CA SER A 302 -4.43 -31.77 -17.62
C SER A 302 -5.88 -31.34 -17.81
N ARG A 303 -6.70 -32.23 -18.36
CA ARG A 303 -8.12 -31.96 -18.53
C ARG A 303 -8.81 -31.82 -17.18
N ILE A 304 -8.36 -32.61 -16.21
CA ILE A 304 -8.91 -32.58 -14.86
C ILE A 304 -8.52 -31.28 -14.16
N CYS A 305 -7.23 -30.98 -14.15
CA CYS A 305 -6.72 -29.79 -13.47
C CYS A 305 -7.28 -28.51 -14.08
N LYS A 306 -7.31 -28.46 -15.41
CA LYS A 306 -7.84 -27.30 -16.12
C LYS A 306 -9.33 -27.11 -15.82
N ALA A 307 -10.04 -28.22 -15.71
CA ALA A 307 -11.48 -28.18 -15.42
C ALA A 307 -11.72 -27.67 -14.00
N LEU A 308 -10.94 -28.19 -13.05
CA LEU A 308 -11.06 -27.79 -11.66
C LEU A 308 -10.62 -26.34 -11.48
N PHE A 309 -9.56 -25.95 -12.16
CA PHE A 309 -9.07 -24.58 -12.12
C PHE A 309 -10.14 -23.62 -12.62
N LEU A 310 -10.73 -23.95 -13.77
CA LEU A 310 -11.79 -23.15 -14.35
C LEU A 310 -13.06 -23.23 -13.51
N TYR A 311 -13.27 -24.38 -12.88
CA TYR A 311 -14.44 -24.59 -12.03
C TYR A 311 -14.35 -23.73 -10.77
N THR A 312 -13.22 -23.81 -10.10
CA THR A 312 -13.00 -23.05 -8.86
C THR A 312 -12.82 -21.56 -9.15
N SER A 313 -12.29 -21.25 -10.32
CA SER A 313 -12.12 -19.86 -10.72
C SER A 313 -13.47 -19.15 -10.79
N HIS A 314 -14.40 -19.74 -11.55
CA HIS A 314 -15.75 -19.21 -11.63
C HIS A 314 -16.42 -19.22 -10.26
N LEU A 315 -16.17 -20.28 -9.51
CA LEU A 315 -16.75 -20.43 -8.16
C LEU A 315 -16.20 -19.35 -7.23
N ARG A 316 -14.95 -18.96 -7.45
CA ARG A 316 -14.33 -17.92 -6.64
C ARG A 316 -14.84 -16.54 -7.03
N LYS A 317 -15.12 -16.35 -8.31
CA LYS A 317 -15.61 -15.07 -8.81
C LYS A 317 -17.11 -14.92 -8.62
N TYR A 318 -17.78 -16.03 -8.31
CA TYR A 318 -19.18 -15.99 -7.91
C TYR A 318 -19.26 -15.53 -6.46
N ASN A 319 -18.29 -15.93 -5.66
CA ASN A 319 -18.19 -15.50 -4.28
C ASN A 319 -17.93 -14.00 -4.20
N ASP A 320 -17.27 -13.46 -5.21
CA ASP A 320 -17.03 -12.02 -5.28
C ASP A 320 -18.34 -11.28 -5.56
N ALA A 321 -19.12 -11.81 -6.49
CA ALA A 321 -20.38 -11.18 -6.89
C ALA A 321 -21.36 -11.11 -5.71
N LEU A 322 -21.15 -11.96 -4.72
CA LEU A 322 -21.97 -11.93 -3.51
C LEU A 322 -21.55 -10.74 -2.65
N ILE A 323 -20.28 -10.73 -2.25
CA ILE A 323 -19.73 -9.64 -1.45
C ILE A 323 -20.09 -8.27 -2.01
N ILE A 324 -20.07 -8.14 -3.33
CA ILE A 324 -20.41 -6.87 -3.98
C ILE A 324 -21.89 -6.53 -3.77
N SER A 325 -22.77 -7.52 -3.93
CA SER A 325 -24.20 -7.29 -3.80
C SER A 325 -24.58 -6.78 -2.41
N GLU A 326 -23.74 -7.08 -1.43
CA GLU A 326 -23.98 -6.63 -0.06
C GLU A 326 -23.65 -5.15 0.10
N HIS A 327 -22.53 -4.73 -0.50
CA HIS A 327 -22.04 -3.37 -0.33
C HIS A 327 -22.49 -2.43 -1.44
N ALA A 328 -23.24 -2.97 -2.42
CA ALA A 328 -23.65 -2.18 -3.57
C ALA A 328 -24.90 -2.75 -4.23
N ARG A 329 -25.23 -2.22 -5.41
CA ARG A 329 -26.39 -2.70 -6.17
C ARG A 329 -26.20 -4.13 -6.64
N MET A 330 -27.31 -4.82 -6.88
CA MET A 330 -27.28 -6.13 -7.50
C MET A 330 -26.75 -6.01 -8.92
N LYS A 331 -27.08 -4.90 -9.57
CA LYS A 331 -26.63 -4.61 -10.93
C LYS A 331 -25.10 -4.62 -11.01
N ASP A 332 -24.45 -4.08 -9.98
CA ASP A 332 -23.00 -3.98 -9.96
C ASP A 332 -22.35 -5.35 -9.91
N ALA A 333 -23.02 -6.28 -9.22
CA ALA A 333 -22.53 -7.66 -9.13
C ALA A 333 -22.80 -8.40 -10.42
N LEU A 334 -23.98 -8.19 -11.00
CA LEU A 334 -24.35 -8.82 -12.25
C LEU A 334 -23.44 -8.34 -13.38
N ASP A 335 -23.13 -7.04 -13.38
CA ASP A 335 -22.23 -6.47 -14.37
C ASP A 335 -20.80 -6.92 -14.12
N TYR A 336 -20.48 -7.24 -12.87
CA TYR A 336 -19.17 -7.78 -12.53
C TYR A 336 -19.02 -9.16 -13.15
N LEU A 337 -20.12 -9.90 -13.22
CA LEU A 337 -20.14 -11.19 -13.90
C LEU A 337 -20.23 -10.99 -15.41
N LYS A 338 -21.04 -10.01 -15.83
CA LYS A 338 -21.19 -9.71 -17.23
C LYS A 338 -19.86 -9.26 -17.84
N ASP A 339 -19.03 -8.63 -17.02
CA ASP A 339 -17.69 -8.24 -17.44
C ASP A 339 -16.75 -9.44 -17.39
N PHE A 340 -16.92 -10.28 -16.38
CA PHE A 340 -16.14 -11.49 -16.23
C PHE A 340 -16.27 -12.40 -17.45
N PHE A 341 -17.49 -12.88 -17.70
CA PHE A 341 -17.74 -13.82 -18.79
C PHE A 341 -17.36 -13.25 -20.16
N SER A 342 -17.21 -11.94 -20.24
CA SER A 342 -16.70 -11.30 -21.45
C SER A 342 -15.20 -11.56 -21.59
N ASN A 343 -14.53 -11.73 -20.45
CA ASN A 343 -13.11 -12.04 -20.43
C ASN A 343 -12.83 -13.54 -20.50
N VAL A 344 -13.89 -14.33 -20.36
CA VAL A 344 -13.79 -15.78 -20.52
C VAL A 344 -13.69 -16.11 -22.00
N ARG A 345 -14.74 -15.80 -22.75
CA ARG A 345 -14.71 -15.94 -24.19
C ARG A 345 -13.80 -14.87 -24.80
N ALA A 346 -12.97 -15.26 -25.76
CA ALA A 346 -12.00 -14.37 -26.39
C ALA A 346 -11.08 -13.76 -25.34
N GLU A 351 -13.22 -25.06 -23.32
CA GLU A 351 -14.26 -25.99 -23.74
C GLU A 351 -15.27 -26.20 -22.63
N ILE A 352 -14.77 -26.44 -21.42
CA ILE A 352 -15.64 -26.60 -20.26
C ILE A 352 -16.19 -25.25 -19.79
N GLU A 353 -15.67 -24.18 -20.37
CA GLU A 353 -16.16 -22.83 -20.07
C GLU A 353 -17.49 -22.58 -20.74
N GLN A 354 -17.72 -23.24 -21.87
CA GLN A 354 -18.97 -23.11 -22.61
C GLN A 354 -20.15 -23.70 -21.82
N ASP A 355 -19.84 -24.69 -21.00
CA ASP A 355 -20.86 -25.35 -20.18
C ASP A 355 -21.27 -24.47 -19.00
N LEU A 356 -20.26 -23.90 -18.33
CA LEU A 356 -20.50 -23.07 -17.16
C LEU A 356 -21.18 -21.77 -17.52
N THR A 357 -20.82 -21.20 -18.67
CA THR A 357 -21.44 -19.97 -19.14
C THR A 357 -22.89 -20.24 -19.56
N GLN A 358 -23.17 -21.51 -19.86
CA GLN A 358 -24.53 -21.92 -20.21
C GLN A 358 -25.42 -21.87 -18.98
N ARG A 359 -24.88 -22.31 -17.84
CA ARG A 359 -25.61 -22.29 -16.58
C ARG A 359 -25.91 -20.84 -16.17
N PHE A 360 -24.97 -19.95 -16.45
CA PHE A 360 -25.16 -18.53 -16.14
C PHE A 360 -26.17 -17.89 -17.08
N GLU A 361 -26.00 -18.11 -18.38
CA GLU A 361 -26.89 -17.56 -19.39
C GLU A 361 -28.34 -18.00 -19.16
N GLU A 362 -28.50 -19.18 -18.58
CA GLU A 362 -29.83 -19.73 -18.32
C GLU A 362 -30.59 -18.87 -17.30
N LYS A 363 -29.93 -18.59 -16.17
CA LYS A 363 -30.55 -17.82 -15.11
C LYS A 363 -30.40 -16.31 -15.31
N LEU A 364 -29.60 -15.92 -16.30
CA LEU A 364 -29.32 -14.51 -16.55
C LEU A 364 -30.59 -13.71 -16.83
N GLN A 365 -31.49 -14.29 -17.61
CA GLN A 365 -32.74 -13.62 -17.97
C GLN A 365 -33.55 -13.29 -16.71
N GLU A 366 -33.50 -14.19 -15.75
CA GLU A 366 -34.19 -13.99 -14.48
C GLU A 366 -33.46 -12.95 -13.63
N LEU A 367 -32.14 -13.05 -13.59
CA LEU A 367 -31.33 -12.13 -12.79
C LEU A 367 -31.38 -10.72 -13.36
N GLU A 368 -31.69 -10.60 -14.64
CA GLU A 368 -31.82 -9.30 -15.28
C GLU A 368 -32.99 -8.52 -14.69
N SER A 369 -34.04 -9.24 -14.32
CA SER A 369 -35.24 -8.63 -13.75
C SER A 369 -35.05 -8.26 -12.29
N VAL A 370 -34.39 -9.14 -11.54
CA VAL A 370 -34.16 -8.90 -10.11
C VAL A 370 -33.35 -7.63 -9.91
N SER A 371 -32.44 -7.37 -10.85
CA SER A 371 -31.62 -6.16 -10.80
C SER A 371 -32.47 -4.92 -11.06
N ARG A 372 -33.55 -5.08 -11.80
CA ARG A 372 -34.39 -3.96 -12.19
C ARG A 372 -35.43 -3.60 -11.12
N ASP A 373 -35.63 -4.50 -10.16
CA ASP A 373 -36.64 -4.30 -9.12
C ASP A 373 -36.16 -3.25 -8.10
N PRO A 374 -36.85 -2.09 -8.02
CA PRO A 374 -36.42 -1.06 -7.08
C PRO A 374 -36.60 -1.46 -5.61
N SER A 375 -37.60 -2.29 -5.33
CA SER A 375 -37.93 -2.66 -3.96
C SER A 375 -36.77 -3.38 -3.26
N ASN A 376 -35.85 -3.92 -4.04
CA ASN A 376 -34.74 -4.70 -3.50
C ASN A 376 -33.48 -3.87 -3.26
N GLU A 377 -33.57 -2.55 -3.45
CA GLU A 377 -32.43 -1.66 -3.35
C GLU A 377 -31.72 -1.78 -2.00
N ASN A 378 -30.39 -1.64 -2.02
CA ASN A 378 -29.58 -1.74 -0.82
C ASN A 378 -29.86 -0.57 0.13
N PRO A 379 -30.34 -0.88 1.36
CA PRO A 379 -30.59 0.21 2.31
C PRO A 379 -29.31 0.93 2.73
N LYS A 380 -28.16 0.28 2.51
CA LYS A 380 -26.88 0.89 2.84
C LYS A 380 -26.54 1.99 1.83
N LEU A 381 -27.00 1.82 0.59
CA LEU A 381 -26.84 2.85 -0.44
C LEU A 381 -27.84 3.97 -0.24
N GLU A 382 -29.06 3.61 0.14
CA GLU A 382 -30.12 4.59 0.32
C GLU A 382 -29.76 5.59 1.42
N ASP A 383 -29.09 5.12 2.46
CA ASP A 383 -28.65 5.98 3.54
C ASP A 383 -27.48 6.83 3.07
N LEU A 384 -26.63 6.26 2.22
CA LEU A 384 -25.52 7.01 1.63
C LEU A 384 -26.06 8.06 0.68
N CYS A 385 -27.15 7.73 -0.03
CA CYS A 385 -27.80 8.68 -0.90
C CYS A 385 -28.37 9.83 -0.09
N PHE A 386 -29.02 9.49 1.02
CA PHE A 386 -29.64 10.47 1.90
C PHE A 386 -28.61 11.47 2.45
N ILE A 387 -27.48 10.95 2.93
CA ILE A 387 -26.41 11.80 3.45
C ILE A 387 -25.96 12.80 2.40
N LEU A 388 -25.74 12.31 1.18
CA LEU A 388 -25.24 13.15 0.09
C LEU A 388 -26.26 14.21 -0.32
N GLN A 389 -27.54 13.87 -0.24
CA GLN A 389 -28.59 14.82 -0.60
C GLN A 389 -28.63 16.00 0.36
N GLU A 390 -28.46 15.70 1.65
CA GLU A 390 -28.55 16.72 2.69
C GLU A 390 -27.43 17.77 2.57
N GLU A 391 -26.20 17.30 2.48
CA GLU A 391 -25.04 18.20 2.50
C GLU A 391 -25.00 19.11 1.29
N TYR A 392 -25.27 18.55 0.11
CA TYR A 392 -25.24 19.33 -1.13
C TYR A 392 -26.46 20.24 -1.26
N HIS A 393 -27.56 19.85 -0.62
CA HIS A 393 -28.73 20.73 -0.53
C HIS A 393 -28.38 21.92 0.36
N LEU A 394 -27.61 21.64 1.41
CA LEU A 394 -27.15 22.69 2.33
C LEU A 394 -25.99 23.48 1.75
N ASN A 395 -25.06 22.78 1.10
CA ASN A 395 -23.85 23.37 0.57
C ASN A 395 -23.49 22.81 -0.81
N PRO A 396 -24.07 23.36 -1.89
CA PRO A 396 -23.85 22.82 -3.23
C PRO A 396 -22.39 22.86 -3.69
N GLU A 397 -21.56 23.64 -3.00
CA GLU A 397 -20.15 23.75 -3.34
C GLU A 397 -19.33 22.67 -2.63
N THR A 398 -20.02 21.77 -1.93
CA THR A 398 -19.39 20.67 -1.20
C THR A 398 -18.45 19.84 -2.08
N ILE A 399 -17.26 19.57 -1.54
CA ILE A 399 -16.33 18.62 -2.14
C ILE A 399 -16.30 17.39 -1.24
N THR A 400 -16.39 16.20 -1.84
CA THR A 400 -16.53 14.96 -1.09
C THR A 400 -15.49 13.92 -1.50
N ILE A 401 -15.02 13.14 -0.52
CA ILE A 401 -14.19 11.97 -0.77
C ILE A 401 -14.87 10.74 -0.18
N LEU A 402 -15.16 9.77 -1.04
CA LEU A 402 -15.84 8.55 -0.63
C LEU A 402 -14.87 7.37 -0.63
N PHE A 403 -14.54 6.87 0.55
CA PHE A 403 -13.58 5.79 0.70
C PHE A 403 -14.26 4.42 0.67
N VAL A 404 -13.65 3.49 -0.06
CA VAL A 404 -14.14 2.12 -0.13
C VAL A 404 -12.98 1.13 -0.07
N LYS A 405 -13.31 -0.14 0.13
CA LYS A 405 -12.31 -1.18 0.34
C LYS A 405 -11.72 -1.71 -0.96
N THR A 406 -12.55 -2.36 -1.78
CA THR A 406 -12.08 -3.01 -3.00
C THR A 406 -12.19 -2.10 -4.21
N ARG A 407 -11.23 -2.22 -5.13
CA ARG A 407 -11.25 -1.46 -6.37
C ARG A 407 -12.51 -1.75 -7.18
N ALA A 408 -13.03 -2.96 -7.04
CA ALA A 408 -14.27 -3.34 -7.72
C ALA A 408 -15.43 -2.47 -7.23
N LEU A 409 -15.46 -2.22 -5.92
CA LEU A 409 -16.53 -1.43 -5.32
C LEU A 409 -16.39 0.05 -5.69
N VAL A 410 -15.20 0.45 -6.13
CA VAL A 410 -14.98 1.83 -6.58
C VAL A 410 -15.79 2.10 -7.84
N ASP A 411 -15.72 1.18 -8.79
CA ASP A 411 -16.46 1.32 -10.04
C ASP A 411 -17.95 1.11 -9.81
N ALA A 412 -18.29 0.19 -8.92
CA ALA A 412 -19.68 -0.12 -8.62
C ALA A 412 -20.45 1.11 -8.14
N LEU A 413 -19.80 1.92 -7.31
CA LEU A 413 -20.42 3.14 -6.80
C LEU A 413 -20.34 4.28 -7.81
N LYS A 414 -19.31 4.27 -8.63
CA LYS A 414 -19.19 5.25 -9.72
C LYS A 414 -20.42 5.17 -10.61
N ASN A 415 -20.75 3.96 -11.05
CA ASN A 415 -21.90 3.73 -11.90
C ASN A 415 -23.20 4.04 -11.18
N TRP A 416 -23.21 3.82 -9.88
CA TRP A 416 -24.39 4.05 -9.05
C TRP A 416 -24.75 5.53 -9.00
N ILE A 417 -23.73 6.36 -8.78
CA ILE A 417 -23.95 7.81 -8.68
C ILE A 417 -24.45 8.38 -10.00
N GLU A 418 -23.75 8.09 -11.09
CA GLU A 418 -24.14 8.58 -12.40
C GLU A 418 -25.46 7.96 -12.84
N GLY A 419 -25.83 6.83 -12.24
CA GLY A 419 -27.06 6.13 -12.56
C GLY A 419 -28.18 6.41 -11.57
N ASN A 420 -28.00 7.41 -10.73
CA ASN A 420 -29.01 7.82 -9.75
C ASN A 420 -29.57 9.19 -10.07
N PRO A 421 -30.89 9.30 -10.34
CA PRO A 421 -31.46 10.62 -10.63
C PRO A 421 -31.35 11.59 -9.46
N LYS A 422 -31.37 11.05 -8.25
CA LYS A 422 -31.31 11.87 -7.04
C LYS A 422 -29.92 12.50 -6.86
N LEU A 423 -28.90 11.81 -7.36
CA LEU A 423 -27.51 12.21 -7.18
C LEU A 423 -26.96 13.05 -8.35
N SER A 424 -27.83 13.42 -9.28
CA SER A 424 -27.41 14.07 -10.53
C SER A 424 -26.47 15.25 -10.33
N PHE A 425 -26.58 15.92 -9.18
CA PHE A 425 -25.70 17.04 -8.87
C PHE A 425 -24.24 16.61 -8.69
N LEU A 426 -24.01 15.32 -8.55
CA LEU A 426 -22.66 14.80 -8.35
C LEU A 426 -21.92 14.59 -9.67
N LYS A 427 -20.66 14.99 -9.70
CA LYS A 427 -19.79 14.81 -10.85
C LYS A 427 -18.59 13.96 -10.45
N PRO A 428 -18.80 12.64 -10.32
CA PRO A 428 -17.81 11.74 -9.72
C PRO A 428 -16.52 11.54 -10.51
N GLY A 429 -15.48 11.15 -9.79
CA GLY A 429 -14.18 10.82 -10.37
C GLY A 429 -13.51 9.76 -9.51
N ILE A 430 -12.57 9.03 -10.11
CA ILE A 430 -12.00 7.84 -9.49
C ILE A 430 -10.51 8.01 -9.16
N LEU A 431 -10.10 7.43 -8.03
CA LEU A 431 -8.69 7.37 -7.65
C LEU A 431 -8.36 5.99 -7.09
N THR A 432 -7.39 5.31 -7.70
CA THR A 432 -6.98 3.98 -7.26
C THR A 432 -5.47 3.84 -7.30
N GLY A 433 -4.98 2.65 -6.94
CA GLY A 433 -3.56 2.36 -6.95
C GLY A 433 -3.14 1.75 -8.26
N ARG A 434 -1.90 1.28 -8.32
CA ARG A 434 -1.35 0.68 -9.53
C ARG A 434 -1.35 -0.85 -9.44
N GLY A 435 -2.11 -1.49 -10.30
CA GLY A 435 -2.18 -2.94 -10.32
C GLY A 435 -3.27 -3.45 -11.23
N THR A 441 -6.58 -3.02 -15.05
CA THR A 441 -7.45 -2.37 -14.09
C THR A 441 -6.71 -1.26 -13.34
N GLY A 442 -5.38 -1.33 -13.34
CA GLY A 442 -4.57 -0.38 -12.61
C GLY A 442 -4.61 1.03 -13.14
N MET A 443 -4.47 2.00 -12.23
CA MET A 443 -4.40 3.41 -12.57
C MET A 443 -2.98 3.92 -12.35
N THR A 444 -2.37 4.47 -13.40
CA THR A 444 -0.98 4.92 -13.33
C THR A 444 -0.84 6.23 -12.56
N LEU A 445 0.40 6.68 -12.39
CA LEU A 445 0.69 7.92 -11.68
C LEU A 445 0.11 9.13 -12.42
N PRO A 446 0.44 9.29 -13.72
CA PRO A 446 -0.11 10.46 -14.43
C PRO A 446 -1.63 10.41 -14.54
N ALA A 447 -2.20 9.22 -14.37
CA ALA A 447 -3.66 9.08 -14.35
C ALA A 447 -4.20 9.55 -13.00
N GLN A 448 -3.49 9.20 -11.93
CA GLN A 448 -3.85 9.65 -10.59
C GLN A 448 -3.78 11.17 -10.50
N LYS A 449 -2.65 11.72 -10.94
CA LYS A 449 -2.44 13.17 -10.90
C LYS A 449 -3.47 13.92 -11.74
N CYS A 450 -3.91 13.29 -12.83
CA CYS A 450 -4.88 13.92 -13.73
C CYS A 450 -6.23 14.09 -13.05
N ILE A 451 -6.55 13.19 -12.13
CA ILE A 451 -7.81 13.25 -11.40
C ILE A 451 -7.73 14.31 -10.30
N LEU A 452 -6.60 14.36 -9.61
CA LEU A 452 -6.42 15.26 -8.48
C LEU A 452 -6.44 16.73 -8.91
N ASP A 453 -6.10 16.98 -10.17
CA ASP A 453 -6.12 18.34 -10.71
C ASP A 453 -7.54 18.79 -11.04
N ALA A 454 -8.37 17.84 -11.47
CA ALA A 454 -9.76 18.12 -11.82
C ALA A 454 -10.67 18.10 -10.60
N PHE A 455 -10.07 17.85 -9.44
CA PHE A 455 -10.82 17.70 -8.19
C PHE A 455 -10.94 19.04 -7.45
N LYS A 456 -10.44 20.10 -8.07
CA LYS A 456 -10.47 21.43 -7.48
C LYS A 456 -11.87 21.87 -7.05
N ASP A 460 -13.85 20.36 -11.99
CA ASP A 460 -14.78 19.57 -12.77
C ASP A 460 -15.43 18.50 -11.89
N HIS A 461 -14.61 17.76 -11.15
CA HIS A 461 -15.12 16.68 -10.31
C HIS A 461 -15.65 17.19 -8.98
N ASN A 462 -16.91 16.86 -8.71
CA ASN A 462 -17.60 17.28 -7.49
C ASN A 462 -17.24 16.40 -6.30
N ILE A 463 -17.03 15.10 -6.59
CA ILE A 463 -16.75 14.11 -5.56
C ILE A 463 -15.70 13.12 -6.08
N LEU A 464 -14.85 12.63 -5.16
CA LEU A 464 -13.81 11.67 -5.51
C LEU A 464 -14.03 10.34 -4.82
N ILE A 465 -14.33 9.31 -5.62
CA ILE A 465 -14.41 7.94 -5.11
C ILE A 465 -12.99 7.38 -5.09
N ALA A 466 -12.59 6.76 -4.00
CA ALA A 466 -11.21 6.33 -3.86
C ALA A 466 -10.99 5.17 -2.90
N THR A 467 -9.73 4.77 -2.82
CA THR A 467 -9.27 3.69 -1.95
C THR A 467 -8.15 4.24 -1.09
N SER A 468 -7.44 3.38 -0.39
CA SER A 468 -6.47 3.79 0.62
C SER A 468 -5.32 4.65 0.08
N VAL A 469 -5.26 4.88 -1.23
CA VAL A 469 -4.22 5.73 -1.83
C VAL A 469 -4.07 7.06 -1.09
N ALA A 470 -5.18 7.58 -0.58
CA ALA A 470 -5.19 8.86 0.11
C ALA A 470 -4.45 8.80 1.44
N ASP A 471 -4.07 7.60 1.88
CA ASP A 471 -3.36 7.42 3.13
C ASP A 471 -1.98 8.08 3.09
N GLU A 472 -1.64 8.76 4.19
CA GLU A 472 -0.40 9.51 4.38
C GLU A 472 -0.45 10.86 3.64
N GLY A 473 -1.36 10.96 2.67
CA GLY A 473 -1.71 12.21 2.03
C GLY A 473 -0.87 12.51 0.80
N ILE A 474 -1.51 13.02 -0.24
CA ILE A 474 -0.84 13.62 -1.38
C ILE A 474 -0.93 15.15 -1.28
N ASP A 475 -1.60 15.62 -0.23
CA ASP A 475 -1.96 17.04 -0.10
C ASP A 475 -2.87 17.48 -1.24
N ILE A 476 -3.96 16.73 -1.44
CA ILE A 476 -4.92 17.02 -2.50
C ILE A 476 -5.91 18.12 -2.07
N ALA A 477 -6.93 18.32 -2.89
CA ALA A 477 -7.93 19.37 -2.66
C ALA A 477 -8.62 19.20 -1.31
N GLN A 478 -8.98 20.32 -0.69
CA GLN A 478 -9.68 20.31 0.59
C GLN A 478 -11.13 19.89 0.42
N CYS A 479 -11.63 19.13 1.39
CA CYS A 479 -12.99 18.64 1.36
C CYS A 479 -13.71 18.95 2.67
N ASN A 480 -14.96 19.37 2.56
CA ASN A 480 -15.79 19.63 3.74
C ASN A 480 -16.64 18.40 4.09
N LEU A 481 -16.55 17.36 3.27
CA LEU A 481 -17.26 16.11 3.52
C LEU A 481 -16.37 14.90 3.22
N VAL A 482 -16.32 13.97 4.17
CA VAL A 482 -15.54 12.74 4.00
C VAL A 482 -16.38 11.54 4.43
N ILE A 483 -16.67 10.64 3.49
CA ILE A 483 -17.49 9.48 3.79
C ILE A 483 -16.64 8.21 3.80
N LEU A 484 -16.68 7.50 4.93
CA LEU A 484 -16.00 6.22 5.07
C LEU A 484 -17.02 5.10 4.91
N TYR A 485 -16.93 4.38 3.79
CA TYR A 485 -17.91 3.37 3.44
C TYR A 485 -17.33 1.99 3.72
N GLU A 486 -17.83 1.35 4.79
CA GLU A 486 -17.30 0.07 5.26
C GLU A 486 -15.77 0.12 5.37
N TYR A 487 -15.26 1.23 5.89
CA TYR A 487 -13.82 1.47 5.91
C TYR A 487 -13.21 1.22 7.30
N VAL A 488 -12.37 0.18 7.37
CA VAL A 488 -11.63 -0.14 8.59
C VAL A 488 -10.18 0.31 8.43
N GLY A 489 -9.61 0.82 9.52
CA GLY A 489 -8.23 1.26 9.51
C GLY A 489 -7.62 1.31 10.90
N ASN A 490 -6.40 1.84 10.99
CA ASN A 490 -5.73 2.01 12.28
C ASN A 490 -5.87 3.44 12.77
N VAL A 491 -5.26 3.73 13.92
CA VAL A 491 -5.33 5.05 14.52
C VAL A 491 -4.56 6.08 13.68
N ILE A 492 -3.51 5.63 13.01
CA ILE A 492 -2.66 6.52 12.22
C ILE A 492 -3.39 7.04 10.99
N LYS A 493 -4.02 6.13 10.23
CA LYS A 493 -4.78 6.53 9.06
C LYS A 493 -5.91 7.47 9.47
N MET A 494 -6.56 7.17 10.59
CA MET A 494 -7.65 7.99 11.11
C MET A 494 -7.23 9.44 11.30
N ILE A 495 -6.08 9.63 11.95
CA ILE A 495 -5.59 10.97 12.23
C ILE A 495 -5.14 11.67 10.95
N GLN A 496 -4.67 10.88 9.99
CA GLN A 496 -4.22 11.43 8.71
C GLN A 496 -5.38 11.92 7.86
N THR A 497 -6.43 11.11 7.78
CA THR A 497 -7.59 11.42 6.94
C THR A 497 -8.24 12.75 7.29
N ARG A 498 -8.02 13.22 8.52
CA ARG A 498 -8.50 14.53 8.93
C ARG A 498 -7.87 15.64 8.10
N GLY A 499 -6.71 15.34 7.53
CA GLY A 499 -5.98 16.32 6.74
C GLY A 499 -6.75 16.85 5.56
N ARG A 500 -7.84 16.15 5.20
CA ARG A 500 -8.75 16.64 4.17
C ARG A 500 -9.73 17.66 4.74
N GLY A 501 -9.98 17.56 6.04
CA GLY A 501 -10.99 18.37 6.71
C GLY A 501 -10.45 19.53 7.52
N ARG A 502 -9.27 20.03 7.18
CA ARG A 502 -8.62 21.09 7.95
C ARG A 502 -9.51 22.30 8.19
N ALA A 503 -10.40 22.59 7.25
CA ALA A 503 -11.26 23.76 7.35
C ALA A 503 -12.33 23.57 8.43
N ARG A 504 -12.77 24.68 9.01
CA ARG A 504 -13.84 24.65 10.01
C ARG A 504 -15.12 24.17 9.35
N GLY A 505 -15.82 23.26 10.03
CA GLY A 505 -17.12 22.80 9.56
C GLY A 505 -17.06 21.51 8.75
N SER A 506 -15.86 21.00 8.51
CA SER A 506 -15.71 19.75 7.79
C SER A 506 -16.33 18.60 8.57
N LYS A 507 -17.00 17.70 7.85
CA LYS A 507 -17.71 16.59 8.48
C LYS A 507 -17.22 15.25 7.95
N CYS A 508 -17.32 14.22 8.78
CA CYS A 508 -16.88 12.87 8.41
C CYS A 508 -17.88 11.83 8.88
N PHE A 509 -18.26 10.93 7.97
CA PHE A 509 -19.23 9.88 8.26
C PHE A 509 -18.62 8.49 8.14
N LEU A 510 -19.05 7.59 9.00
CA LEU A 510 -18.68 6.17 8.93
C LEU A 510 -19.93 5.34 8.73
N LEU A 511 -20.00 4.67 7.58
CA LEU A 511 -21.19 3.92 7.19
C LEU A 511 -20.91 2.43 7.11
N THR A 512 -21.55 1.66 7.99
CA THR A 512 -21.35 0.21 8.03
C THR A 512 -22.58 -0.53 8.54
N SER A 513 -22.84 -1.70 7.97
CA SER A 513 -23.91 -2.57 8.44
C SER A 513 -23.40 -3.67 9.38
N ASN A 514 -22.08 -3.73 9.55
CA ASN A 514 -21.46 -4.82 10.29
C ASN A 514 -21.55 -4.66 11.80
N ALA A 515 -21.54 -3.42 12.26
CA ALA A 515 -21.57 -3.07 13.68
C ALA A 515 -20.27 -3.43 14.42
N GLY A 516 -19.40 -4.21 13.77
CA GLY A 516 -18.07 -4.48 14.28
C GLY A 516 -17.12 -3.38 13.82
N VAL A 517 -17.42 -2.81 12.67
CA VAL A 517 -16.62 -1.72 12.11
C VAL A 517 -16.74 -0.48 12.99
N ILE A 518 -17.93 -0.27 13.54
CA ILE A 518 -18.18 0.84 14.45
C ILE A 518 -17.25 0.73 15.66
N GLU A 519 -17.29 -0.42 16.32
CA GLU A 519 -16.50 -0.64 17.52
C GLU A 519 -15.01 -0.58 17.23
N LYS A 520 -14.61 -1.07 16.06
CA LYS A 520 -13.21 -1.01 15.65
C LYS A 520 -12.71 0.44 15.62
N GLU A 521 -13.54 1.32 15.07
CA GLU A 521 -13.19 2.74 15.01
C GLU A 521 -13.20 3.35 16.40
N GLN A 522 -14.15 2.94 17.23
CA GLN A 522 -14.23 3.41 18.60
C GLN A 522 -12.92 3.14 19.34
N ILE A 523 -12.35 1.97 19.11
CA ILE A 523 -11.08 1.60 19.71
C ILE A 523 -9.99 2.58 19.29
N ASN A 524 -9.92 2.87 17.99
CA ASN A 524 -8.91 3.80 17.46
C ASN A 524 -9.02 5.17 18.11
N MET A 525 -10.24 5.61 18.40
CA MET A 525 -10.46 6.88 19.06
C MET A 525 -9.85 6.86 20.45
N TYR A 526 -10.04 5.74 21.16
CA TYR A 526 -9.48 5.57 22.48
C TYR A 526 -7.96 5.42 22.40
N LYS A 527 -7.48 4.82 21.32
CA LYS A 527 -6.06 4.63 21.11
C LYS A 527 -5.34 5.97 20.90
N GLU A 528 -6.00 6.90 20.22
CA GLU A 528 -5.43 8.22 20.04
C GLU A 528 -5.29 8.92 21.38
N LYS A 529 -6.27 8.74 22.26
CA LYS A 529 -6.23 9.30 23.60
C LYS A 529 -5.00 8.80 24.34
N MET A 530 -4.84 7.47 24.34
CA MET A 530 -3.70 6.85 24.97
C MET A 530 -2.38 7.37 24.40
N MET A 531 -2.40 7.63 23.09
CA MET A 531 -1.22 8.14 22.40
C MET A 531 -0.81 9.51 22.95
N ASN A 532 -1.77 10.44 22.97
CA ASN A 532 -1.49 11.81 23.39
C ASN A 532 -1.23 11.91 24.89
N ASP A 533 -1.83 11.02 25.67
CA ASP A 533 -1.59 11.00 27.11
C ASP A 533 -0.19 10.48 27.41
N SER A 534 0.23 9.47 26.66
CA SER A 534 1.53 8.85 26.86
C SER A 534 2.66 9.79 26.45
N ILE A 535 2.43 10.57 25.40
CA ILE A 535 3.42 11.54 24.94
C ILE A 535 3.61 12.64 25.98
N LEU A 536 2.51 13.14 26.53
CA LEU A 536 2.57 14.12 27.59
C LEU A 536 3.31 13.55 28.79
N ARG A 537 3.02 12.29 29.11
CA ARG A 537 3.66 11.61 30.22
C ARG A 537 5.15 11.39 29.96
N LEU A 538 5.50 11.06 28.72
CA LEU A 538 6.90 10.87 28.35
C LEU A 538 7.66 12.19 28.35
N GLN A 539 7.00 13.26 27.92
CA GLN A 539 7.63 14.57 27.83
C GLN A 539 7.96 15.15 29.21
N THR A 540 7.30 14.64 30.25
CA THR A 540 7.58 15.08 31.62
C THR A 540 8.89 14.50 32.14
N TRP A 541 9.24 13.31 31.65
CA TRP A 541 10.48 12.65 32.06
C TRP A 541 11.67 13.55 31.80
N ASP A 542 12.59 13.59 32.75
CA ASP A 542 13.84 14.32 32.56
C ASP A 542 14.59 13.72 31.38
N GLU A 543 15.31 14.54 30.63
CA GLU A 543 16.12 14.01 29.54
C GLU A 543 17.32 13.33 30.18
N ALA A 544 18.10 12.62 29.35
CA ALA A 544 19.25 11.83 29.79
C ALA A 544 18.84 10.62 30.65
N VAL A 545 17.61 10.64 31.19
CA VAL A 545 16.99 9.46 31.75
C VAL A 545 16.31 8.68 30.63
N PHE A 546 15.64 9.44 29.76
CA PHE A 546 14.95 8.88 28.61
C PHE A 546 15.98 8.44 27.57
N ARG A 547 16.99 9.28 27.36
CA ARG A 547 18.10 8.94 26.48
C ARG A 547 18.74 7.63 26.91
N GLU A 548 18.70 7.36 28.22
CA GLU A 548 19.22 6.12 28.77
C GLU A 548 18.29 4.95 28.47
N LYS A 549 16.98 5.17 28.55
CA LYS A 549 16.02 4.10 28.34
C LYS A 549 16.02 3.64 26.89
N ILE A 550 16.13 4.59 25.94
CA ILE A 550 16.13 4.21 24.54
C ILE A 550 17.37 3.39 24.21
N LEU A 551 18.49 3.71 24.86
CA LEU A 551 19.71 2.95 24.70
C LEU A 551 19.50 1.52 25.20
N HIS A 552 18.67 1.38 26.23
CA HIS A 552 18.34 0.06 26.76
C HIS A 552 17.36 -0.67 25.86
N ILE A 553 16.55 0.09 25.12
CA ILE A 553 15.60 -0.49 24.16
C ILE A 553 16.33 -0.88 22.88
N GLN A 554 17.27 -0.03 22.46
CA GLN A 554 18.07 -0.30 21.27
C GLN A 554 18.92 -1.55 21.43
N THR A 555 19.55 -1.67 22.60
CA THR A 555 20.48 -2.76 22.88
C THR A 555 19.77 -4.11 22.89
N HIS A 556 18.62 -4.18 23.55
CA HIS A 556 17.84 -5.41 23.60
C HIS A 556 17.38 -5.82 22.21
N GLU A 557 16.94 -4.83 21.43
CA GLU A 557 16.40 -5.08 20.09
C GLU A 557 17.47 -5.51 19.10
N LYS A 558 18.73 -5.16 19.39
CA LYS A 558 19.82 -5.49 18.48
C LYS A 558 20.19 -6.97 18.50
N PHE A 559 20.42 -7.53 19.68
CA PHE A 559 20.89 -8.91 19.77
C PHE A 559 19.80 -9.89 19.36
N ILE A 560 18.55 -9.50 19.53
CA ILE A 560 17.43 -10.33 19.05
C ILE A 560 17.36 -10.24 17.52
N ARG A 561 17.73 -9.08 16.98
CA ARG A 561 17.73 -8.89 15.54
C ARG A 561 18.89 -9.62 14.88
N ASP A 562 20.00 -9.78 15.61
CA ASP A 562 21.15 -10.50 15.10
C ASP A 562 21.03 -12.01 15.35
N SER A 563 20.11 -12.39 16.22
CA SER A 563 19.95 -13.79 16.61
C SER A 563 18.87 -14.53 15.82
N GLN A 564 18.15 -13.81 14.95
CA GLN A 564 17.05 -14.41 14.21
C GLN A 564 17.54 -15.19 12.99
N GLU A 565 18.78 -14.91 12.57
CA GLU A 565 19.35 -15.56 11.40
C GLU A 565 19.70 -17.01 11.70
N VAL A 570 20.69 -25.10 3.50
CA VAL A 570 20.69 -26.46 2.98
C VAL A 570 20.05 -26.49 1.58
N PRO A 571 20.88 -26.38 0.53
CA PRO A 571 20.35 -26.43 -0.84
C PRO A 571 20.01 -27.84 -1.30
N ASP A 572 19.11 -27.95 -2.27
CA ASP A 572 18.74 -29.23 -2.86
C ASP A 572 19.18 -29.29 -4.31
N LYS A 573 20.15 -30.16 -4.60
CA LYS A 573 20.74 -30.25 -5.94
C LYS A 573 19.91 -31.11 -6.89
N GLU A 574 18.86 -31.74 -6.36
CA GLU A 574 18.01 -32.60 -7.17
C GLU A 574 17.27 -31.80 -8.25
N ASN A 575 17.05 -32.43 -9.40
CA ASN A 575 16.37 -31.78 -10.51
C ASN A 575 14.86 -31.96 -10.45
N LYS A 576 14.13 -30.85 -10.36
CA LYS A 576 12.67 -30.87 -10.29
C LYS A 576 12.06 -30.30 -11.56
N LYS A 577 10.85 -30.76 -11.89
CA LYS A 577 10.15 -30.28 -13.08
C LYS A 577 9.11 -29.22 -12.73
N LEU A 578 9.17 -28.10 -13.43
CA LEU A 578 8.21 -27.00 -13.24
C LEU A 578 7.05 -27.10 -14.22
N LEU A 579 5.84 -27.28 -13.70
CA LEU A 579 4.65 -27.40 -14.53
C LEU A 579 3.74 -26.19 -14.37
N CYS A 580 2.98 -25.89 -15.42
CA CYS A 580 2.04 -24.78 -15.40
C CYS A 580 0.87 -25.08 -14.47
N ARG A 581 0.63 -24.21 -13.50
CA ARG A 581 -0.38 -24.47 -12.47
C ARG A 581 -1.79 -24.65 -13.04
N LYS A 582 -1.99 -24.19 -14.27
CA LYS A 582 -3.30 -24.33 -14.91
C LYS A 582 -3.43 -25.66 -15.64
N CYS A 583 -2.68 -25.81 -16.73
CA CYS A 583 -2.80 -27.00 -17.59
C CYS A 583 -1.78 -28.10 -17.24
N LYS A 584 -0.87 -27.82 -16.32
CA LYS A 584 0.14 -28.79 -15.90
C LYS A 584 1.08 -29.16 -17.05
N ALA A 585 1.24 -28.25 -18.02
CA ALA A 585 2.16 -28.47 -19.13
C ALA A 585 3.60 -28.28 -18.68
N LEU A 586 4.53 -28.87 -19.42
CA LEU A 586 5.95 -28.76 -19.09
C LEU A 586 6.49 -27.39 -19.46
N ALA A 587 7.05 -26.70 -18.47
CA ALA A 587 7.61 -25.37 -18.67
C ALA A 587 9.12 -25.44 -18.81
N CYS A 588 9.79 -25.87 -17.73
CA CYS A 588 11.24 -25.99 -17.73
C CYS A 588 11.72 -26.80 -16.52
N TYR A 589 13.03 -26.98 -16.41
CA TYR A 589 13.63 -27.71 -15.30
C TYR A 589 14.44 -26.76 -14.42
N THR A 590 14.54 -27.10 -13.13
CA THR A 590 15.25 -26.27 -12.17
C THR A 590 16.70 -26.04 -12.59
N ALA A 591 17.28 -26.99 -13.31
CA ALA A 591 18.64 -26.88 -13.80
C ALA A 591 18.76 -25.74 -14.81
N ASP A 592 17.68 -25.49 -15.54
CA ASP A 592 17.66 -24.45 -16.56
C ASP A 592 17.62 -23.05 -15.94
N VAL A 593 16.93 -22.94 -14.81
CA VAL A 593 16.68 -21.63 -14.19
C VAL A 593 17.95 -21.02 -13.61
N ARG A 594 18.13 -19.73 -13.88
CA ARG A 594 19.25 -18.96 -13.33
C ARG A 594 18.70 -17.76 -12.55
N VAL A 595 19.45 -17.29 -11.56
CA VAL A 595 19.03 -16.15 -10.75
C VAL A 595 19.76 -14.88 -11.16
N ILE A 596 19.01 -13.79 -11.27
CA ILE A 596 19.56 -12.49 -11.60
C ILE A 596 19.56 -11.59 -10.37
N GLU A 597 20.75 -11.23 -9.93
CA GLU A 597 20.93 -10.32 -8.80
C GLU A 597 20.19 -10.80 -7.55
N GLU A 598 20.24 -12.11 -7.31
CA GLU A 598 19.76 -12.73 -6.08
C GLU A 598 18.23 -12.68 -5.92
N CYS A 599 17.55 -12.03 -6.85
CA CYS A 599 16.10 -11.82 -6.75
C CYS A 599 15.32 -12.53 -7.85
N HIS A 600 15.56 -12.15 -9.10
CA HIS A 600 14.71 -12.54 -10.21
C HIS A 600 15.21 -13.81 -10.90
N TYR A 601 14.27 -14.66 -11.32
CA TYR A 601 14.57 -15.96 -11.91
C TYR A 601 14.19 -15.99 -13.38
N THR A 602 15.09 -16.53 -14.20
CA THR A 602 14.88 -16.60 -15.66
C THR A 602 15.08 -18.02 -16.18
N VAL A 603 15.01 -18.17 -17.51
CA VAL A 603 15.15 -19.47 -18.15
C VAL A 603 16.08 -19.39 -19.35
N LEU A 604 16.91 -20.41 -19.52
CA LEU A 604 17.85 -20.49 -20.64
C LEU A 604 17.41 -21.54 -21.66
N GLY A 605 17.71 -21.30 -22.93
CA GLY A 605 17.45 -22.25 -23.98
C GLY A 605 16.23 -21.91 -24.82
N ASP A 606 16.24 -22.34 -26.08
CA ASP A 606 15.14 -22.10 -27.00
C ASP A 606 14.01 -23.11 -26.81
N ALA A 607 14.23 -24.08 -25.93
CA ALA A 607 13.21 -25.07 -25.62
C ALA A 607 12.02 -24.41 -24.93
N PHE A 608 12.33 -23.44 -24.07
CA PHE A 608 11.31 -22.73 -23.32
C PHE A 608 10.51 -21.78 -24.20
N LYS A 609 11.14 -21.29 -25.26
CA LYS A 609 10.54 -20.27 -26.11
C LYS A 609 9.35 -20.78 -26.92
N GLU A 610 9.27 -22.11 -27.09
CA GLU A 610 8.15 -22.71 -27.80
C GLU A 610 6.96 -22.95 -26.88
N CYS A 611 7.19 -22.83 -25.57
CA CYS A 611 6.18 -23.15 -24.57
C CYS A 611 5.34 -21.95 -24.12
N PHE A 612 5.71 -20.74 -24.54
CA PHE A 612 4.98 -19.55 -24.08
C PHE A 612 4.78 -18.53 -25.21
N VAL A 613 3.77 -17.68 -25.01
CA VAL A 613 3.53 -16.53 -25.88
C VAL A 613 3.69 -15.26 -25.07
N SER A 614 3.55 -14.11 -25.71
CA SER A 614 3.66 -12.84 -25.01
C SER A 614 2.83 -11.75 -25.68
N ARG A 615 2.41 -10.78 -24.89
CA ARG A 615 1.68 -9.62 -25.38
C ARG A 615 2.22 -8.37 -24.70
N PRO A 616 2.33 -7.26 -25.44
CA PRO A 616 2.74 -6.05 -24.72
C PRO A 616 1.68 -5.66 -23.68
N HIS A 617 2.09 -5.49 -22.43
CA HIS A 617 1.19 -4.99 -21.39
C HIS A 617 1.43 -3.50 -21.22
N PRO A 618 0.35 -2.70 -21.12
CA PRO A 618 0.50 -1.25 -21.14
C PRO A 618 1.19 -0.70 -19.89
N LYS A 619 2.41 -1.17 -19.62
CA LYS A 619 3.25 -0.63 -18.55
C LYS A 619 4.71 -0.65 -18.98
N PRO A 620 5.06 0.12 -20.03
CA PRO A 620 6.43 0.17 -20.53
C PRO A 620 7.36 1.01 -19.65
N LYS A 621 7.39 0.69 -18.36
CA LYS A 621 8.21 1.42 -17.40
C LYS A 621 9.35 0.55 -16.91
N GLN A 622 10.51 1.15 -16.69
CA GLN A 622 11.70 0.44 -16.24
C GLN A 622 11.82 0.45 -14.73
N PHE A 623 11.67 -0.73 -14.12
CA PHE A 623 11.84 -0.90 -12.69
C PHE A 623 13.19 -1.56 -12.42
N SER A 624 13.93 -1.00 -11.48
CA SER A 624 15.27 -1.49 -11.15
C SER A 624 16.13 -1.57 -12.42
N SER A 625 16.89 -2.64 -12.57
CA SER A 625 17.78 -2.79 -13.71
C SER A 625 17.04 -3.23 -14.97
N PHE A 626 15.80 -3.70 -14.81
CA PHE A 626 15.04 -4.25 -15.93
C PHE A 626 14.22 -3.19 -16.66
N GLU A 627 13.57 -3.62 -17.73
CA GLU A 627 12.61 -2.79 -18.45
C GLU A 627 11.40 -3.64 -18.82
N LYS A 628 10.23 -3.27 -18.31
CA LYS A 628 9.00 -4.01 -18.62
C LYS A 628 8.60 -3.78 -20.07
N ARG A 629 8.36 -4.88 -20.78
CA ARG A 629 8.02 -4.83 -22.20
C ARG A 629 6.71 -5.55 -22.47
N ALA A 630 6.71 -6.86 -22.24
CA ALA A 630 5.54 -7.70 -22.48
C ALA A 630 5.28 -8.64 -21.31
N LYS A 631 4.06 -9.14 -21.23
CA LYS A 631 3.68 -10.12 -20.23
C LYS A 631 3.60 -11.51 -20.87
N ILE A 632 4.17 -12.50 -20.18
CA ILE A 632 4.24 -13.86 -20.70
C ILE A 632 2.98 -14.66 -20.40
N PHE A 633 2.58 -15.49 -21.36
CA PHE A 633 1.42 -16.36 -21.21
C PHE A 633 1.72 -17.77 -21.73
N CYS A 634 0.94 -18.74 -21.28
CA CYS A 634 1.14 -20.13 -21.68
C CYS A 634 0.72 -20.35 -23.13
N ALA A 635 1.51 -21.12 -23.86
CA ALA A 635 1.28 -21.34 -25.29
C ALA A 635 0.41 -22.58 -25.57
N ARG A 636 0.13 -23.35 -24.53
CA ARG A 636 -0.64 -24.59 -24.69
C ARG A 636 -2.04 -24.31 -25.19
N CYS A 639 -4.81 -22.37 -22.78
CA CYS A 639 -4.45 -22.25 -21.37
C CYS A 639 -4.30 -20.79 -20.98
N SER A 640 -3.26 -20.14 -21.51
CA SER A 640 -3.05 -18.71 -21.34
C SER A 640 -2.84 -18.29 -19.88
N HIS A 641 -2.26 -19.16 -19.08
CA HIS A 641 -1.95 -18.81 -17.69
C HIS A 641 -0.74 -17.89 -17.66
N ASP A 642 -0.74 -16.94 -16.72
CA ASP A 642 0.35 -15.96 -16.65
C ASP A 642 1.57 -16.56 -15.97
N TRP A 643 2.65 -16.72 -16.73
CA TRP A 643 3.89 -17.26 -16.21
C TRP A 643 4.76 -16.19 -15.55
N GLY A 644 4.79 -15.01 -16.16
CA GLY A 644 5.68 -13.96 -15.73
C GLY A 644 5.76 -12.85 -16.77
N ILE A 645 6.87 -12.12 -16.78
CA ILE A 645 7.07 -11.02 -17.72
C ILE A 645 8.29 -11.23 -18.60
N HIS A 646 8.29 -10.58 -19.76
CA HIS A 646 9.44 -10.57 -20.66
C HIS A 646 10.05 -9.16 -20.64
N VAL A 647 11.30 -9.06 -20.23
CA VAL A 647 11.94 -7.78 -19.98
C VAL A 647 13.25 -7.61 -20.74
N LYS A 648 13.91 -6.48 -20.50
CA LYS A 648 15.22 -6.20 -21.08
C LYS A 648 16.24 -5.98 -19.97
N TYR A 649 17.20 -6.90 -19.85
CA TYR A 649 18.26 -6.81 -18.86
C TYR A 649 19.61 -6.62 -19.54
N LYS A 650 20.17 -5.43 -19.40
CA LYS A 650 21.43 -5.08 -20.02
C LYS A 650 21.36 -5.30 -21.54
N THR A 651 22.26 -6.11 -22.09
CA THR A 651 22.28 -6.40 -23.51
C THR A 651 21.22 -7.43 -23.89
N PHE A 652 20.83 -8.25 -22.91
CA PHE A 652 19.99 -9.41 -23.17
C PHE A 652 18.50 -9.13 -22.98
N GLU A 653 17.68 -9.72 -23.83
CA GLU A 653 16.24 -9.71 -23.66
C GLU A 653 15.79 -11.11 -23.25
N ILE A 654 15.37 -11.25 -22.00
CA ILE A 654 15.16 -12.57 -21.42
C ILE A 654 13.87 -12.59 -20.58
N PRO A 655 13.13 -13.71 -20.61
CA PRO A 655 11.94 -13.78 -19.76
C PRO A 655 12.25 -13.87 -18.27
N VAL A 656 11.27 -13.53 -17.44
CA VAL A 656 11.39 -13.64 -15.99
C VAL A 656 10.11 -14.24 -15.44
N ILE A 657 10.25 -15.23 -14.56
CA ILE A 657 9.10 -16.01 -14.09
C ILE A 657 8.88 -15.88 -12.58
N LYS A 658 7.65 -16.15 -12.16
CA LYS A 658 7.29 -16.19 -10.75
C LYS A 658 6.82 -17.59 -10.38
N ILE A 659 7.39 -18.13 -9.32
CA ILE A 659 7.14 -19.53 -8.94
C ILE A 659 5.68 -19.78 -8.58
N GLU A 660 4.99 -18.74 -8.11
CA GLU A 660 3.59 -18.88 -7.72
C GLU A 660 2.70 -19.17 -8.94
N SER A 661 3.28 -19.06 -10.13
CA SER A 661 2.58 -19.43 -11.36
C SER A 661 2.94 -20.86 -11.80
N PHE A 662 3.79 -21.52 -11.02
CA PHE A 662 4.18 -22.90 -11.32
C PHE A 662 4.14 -23.75 -10.05
N THR A 673 4.54 -30.00 -5.17
CA THR A 673 4.39 -28.96 -4.15
C THR A 673 4.33 -27.58 -4.77
N LEU A 674 3.64 -26.66 -4.09
CA LEU A 674 3.48 -25.29 -4.57
C LEU A 674 4.25 -24.32 -3.68
N TYR A 675 4.70 -23.20 -4.28
CA TYR A 675 5.45 -22.19 -3.55
C TYR A 675 4.93 -20.79 -3.87
N SER A 676 4.70 -20.00 -2.82
CA SER A 676 4.15 -18.66 -2.98
C SER A 676 5.24 -17.67 -3.42
N LYS A 677 6.47 -17.91 -2.99
CA LYS A 677 7.60 -17.08 -3.36
C LYS A 677 8.85 -17.93 -3.61
N TRP A 678 9.86 -17.35 -4.25
CA TRP A 678 11.09 -18.07 -4.54
C TRP A 678 11.90 -18.31 -3.28
N LYS A 679 11.72 -17.45 -2.28
CA LYS A 679 12.43 -17.58 -1.02
C LYS A 679 12.12 -18.91 -0.35
N ASP A 680 10.86 -19.32 -0.43
CA ASP A 680 10.42 -20.58 0.17
C ASP A 680 10.91 -21.78 -0.61
N PHE A 681 11.34 -21.55 -1.85
CA PHE A 681 11.79 -22.64 -2.72
C PHE A 681 13.28 -22.85 -2.55
N HIS A 682 13.65 -24.01 -2.01
CA HIS A 682 15.05 -24.31 -1.70
C HIS A 682 15.65 -25.29 -2.70
N PHE A 683 16.58 -24.78 -3.50
CA PHE A 683 17.28 -25.58 -4.50
C PHE A 683 18.63 -24.92 -4.76
N GLU A 684 19.42 -25.49 -5.66
CA GLU A 684 20.71 -24.90 -5.98
C GLU A 684 20.50 -23.67 -6.85
N LYS A 685 20.97 -22.52 -6.35
CA LYS A 685 20.79 -21.25 -7.05
C LYS A 685 22.00 -20.96 -7.91
N ILE A 686 21.80 -20.98 -9.23
CA ILE A 686 22.87 -20.74 -10.20
C ILE A 686 22.83 -19.28 -10.65
N PRO A 687 23.82 -18.46 -10.24
CA PRO A 687 23.82 -17.06 -10.66
C PRO A 687 23.86 -16.91 -12.18
N PHE A 688 23.08 -15.95 -12.70
CA PHE A 688 23.08 -15.66 -14.12
C PHE A 688 24.47 -15.18 -14.53
N ASP A 689 25.04 -15.86 -15.53
CA ASP A 689 26.36 -15.51 -16.03
C ASP A 689 26.26 -14.96 -17.45
N PRO A 690 26.72 -13.72 -17.68
CA PRO A 690 26.72 -13.17 -19.04
C PRO A 690 27.40 -14.11 -20.04
N ALA A 691 28.37 -14.86 -19.57
CA ALA A 691 29.03 -15.88 -20.38
C ALA A 691 28.26 -17.19 -20.30
N GLU A 692 27.78 -17.67 -21.45
CA GLU A 692 26.99 -18.89 -21.50
C GLU A 692 27.17 -19.59 -22.85
ZN ZN D . -0.31 -23.69 -19.18
MG MG E . 24.65 14.94 -9.20
MG MG F . 4.37 15.86 5.37
MG MG G . 4.68 2.53 2.89
C1 GOL H . 25.89 14.04 15.74
O1 GOL H . 25.89 14.46 14.40
C2 GOL H . 24.48 13.67 16.16
O2 GOL H . 24.45 12.35 16.66
C3 GOL H . 23.98 14.63 17.24
O3 GOL H . 22.63 14.34 17.54
PB ADP I . 1.89 18.37 6.87
O1B ADP I . 0.69 17.82 6.22
O2B ADP I . 1.74 18.26 8.37
O3B ADP I . 3.07 17.61 6.44
PA ADP I . 2.23 20.44 4.97
O1A ADP I . 1.97 19.28 3.98
O2A ADP I . 3.58 20.97 4.76
O3A ADP I . 2.08 19.92 6.47
O5' ADP I . 1.22 21.54 4.73
C5' ADP I . 0.66 21.71 3.43
C4' ADP I . 0.49 23.25 3.15
O4' ADP I . 0.75 23.92 4.23
C3' ADP I . 1.54 23.74 2.13
O3' ADP I . 1.00 23.79 0.89
C2' ADP I . 1.94 25.16 2.62
O2' ADP I . 1.56 26.16 1.57
C1' ADP I . 1.26 25.37 3.71
N9 ADP I . 2.06 25.96 4.71
C8 ADP I . 3.03 25.40 5.46
N7 ADP I . 3.50 26.35 6.30
C5 ADP I . 2.82 27.51 6.06
C6 ADP I . 2.90 28.79 6.64
N6 ADP I . 3.73 29.29 7.66
N1 ADP I . 2.08 29.78 6.19
C2 ADP I . 1.19 29.52 5.20
N3 ADP I . 1.11 28.27 4.64
C4 ADP I . 1.94 27.27 5.09
BE BEF J . 0.74 14.57 6.63
F1 BEF J . 2.16 15.07 6.30
F2 BEF J . 0.61 14.12 8.12
F3 BEF J . 0.37 13.37 5.73
#